data_6LKC
#
_entry.id   6LKC
#
_cell.length_a   70.467
_cell.length_b   62.568
_cell.length_c   127.507
_cell.angle_alpha   90.000
_cell.angle_beta   105.610
_cell.angle_gamma   90.000
#
_symmetry.space_group_name_H-M   'P 1 21 1'
#
loop_
_entity.id
_entity.type
_entity.pdbx_description
1 polymer 'Polyunsaturated fatty acid synthase PfaD'
2 non-polymer 'FLAVIN MONONUCLEOTIDE'
3 non-polymer 'CALCIUM ION'
4 non-polymer GLYCEROL
5 water water
#
_entity_poly.entity_id   1
_entity_poly.type   'polypeptide(L)'
_entity_poly.pdbx_seq_one_letter_code
;MGSSHHHHHHSSGLVPRGSHMASMTGGQQMGRGSEFELRRQACGRMNPTTTNEMLSPWPWLVTDTNISFDVTVMEQQLRD
FSRGCYVVNHNEKGVGIAQTAELVADQAANSNSLPVAAFTPALGTESLGDSNFRRVHGVKYAYYAGAMANGISSEELVIA
LGQAGILCSFGAAGLIPSRVEKAINRIQAALPNGPYMFNLIHSPSEPALERGSVELFLKHKVRTVEASAFLGLTPQIVYY
RAAGLSRDAQGNIVVANKVIAKVSRTEVAEKFMMPAPAKMLQKLVDEGSITPEQMELAQLVPMADDITAEADSGGHTDNR
PLVTLLPTILALKEEIQTKYQYPTPIRVGCGGGVGTPDAALATFNMGAAYIVTGSVNQACVEAGASEHTRKLLSTTEMAD
VTMAPAADMFEMGVKLQVVKRGTLFPMRANKLYELYTRYDSIEAIPADEREKLEKQVFRSTLDDIWAGTVAHFNERDPKQ
IERATDNPKRKMALIFRWYLGLSSRWSNSGETGREMDYQIWAGPALGAFNQWAKGSYLDNYQERNAVDVAKHLMYGAAYL
NRVNSLTSQGVKLPTQLLRWKPTQRMA
;
_entity_poly.pdbx_strand_id   A,B
#
loop_
_chem_comp.id
_chem_comp.type
_chem_comp.name
_chem_comp.formula
CA non-polymer 'CALCIUM ION' 'Ca 2'
FMN non-polymer 'FLAVIN MONONUCLEOTIDE' 'C17 H21 N4 O9 P'
GOL non-polymer GLYCEROL 'C3 H8 O3'
#
# COMPACT_ATOMS: atom_id res chain seq x y z
N SER A 56 -29.58 19.97 -9.36
CA SER A 56 -28.49 19.69 -10.28
C SER A 56 -27.67 20.94 -10.59
N PRO A 57 -26.34 20.83 -10.51
CA PRO A 57 -25.48 21.98 -10.77
C PRO A 57 -25.19 22.21 -12.25
N TRP A 58 -25.70 21.33 -13.12
CA TRP A 58 -25.33 21.36 -14.53
C TRP A 58 -26.39 22.08 -15.33
N PRO A 59 -26.05 23.20 -15.99
CA PRO A 59 -27.07 24.03 -16.62
C PRO A 59 -27.27 23.71 -18.09
N TRP A 60 -26.98 22.49 -18.50
CA TRP A 60 -27.12 22.14 -19.90
C TRP A 60 -28.27 21.16 -20.12
N LEU A 61 -28.68 21.08 -21.37
CA LEU A 61 -29.55 20.03 -21.85
C LEU A 61 -28.86 19.36 -23.03
N VAL A 62 -29.26 18.12 -23.28
CA VAL A 62 -28.66 17.31 -24.33
C VAL A 62 -29.76 16.88 -25.29
N THR A 63 -29.56 17.14 -26.56
CA THR A 63 -30.48 16.68 -27.58
C THR A 63 -30.40 15.17 -27.72
N ASP A 64 -31.56 14.53 -27.93
CA ASP A 64 -31.58 13.07 -27.99
C ASP A 64 -30.67 12.52 -29.07
N THR A 65 -30.50 13.25 -30.19
CA THR A 65 -29.68 12.75 -31.27
C THR A 65 -28.18 12.75 -30.95
N ASN A 66 -27.76 13.47 -29.92
CA ASN A 66 -26.36 13.50 -29.54
C ASN A 66 -26.01 12.52 -28.43
N ILE A 67 -27.00 11.84 -27.84
CA ILE A 67 -26.76 10.86 -26.79
C ILE A 67 -26.50 9.51 -27.41
N SER A 68 -25.57 8.76 -26.83
CA SER A 68 -25.40 7.35 -27.15
C SER A 68 -25.65 6.52 -25.89
N PHE A 69 -26.45 5.47 -26.04
CA PHE A 69 -26.66 4.49 -24.98
C PHE A 69 -25.93 3.20 -25.29
N ASP A 70 -25.13 3.19 -26.35
CA ASP A 70 -24.30 2.07 -26.77
C ASP A 70 -23.02 2.06 -25.94
N VAL A 71 -22.74 0.96 -25.24
CA VAL A 71 -21.63 0.94 -24.30
C VAL A 71 -20.28 1.07 -25.02
N THR A 72 -20.16 0.54 -26.24
CA THR A 72 -18.93 0.71 -27.01
C THR A 72 -18.68 2.18 -27.35
N VAL A 73 -19.72 2.86 -27.84
CA VAL A 73 -19.61 4.28 -28.15
C VAL A 73 -19.29 5.06 -26.88
N MET A 74 -19.92 4.66 -25.77
CA MET A 74 -19.68 5.36 -24.50
C MET A 74 -18.24 5.21 -24.05
N GLU A 75 -17.66 4.01 -24.17
CA GLU A 75 -16.25 3.85 -23.83
C GLU A 75 -15.37 4.71 -24.74
N GLN A 76 -15.68 4.75 -26.04
CA GLN A 76 -14.87 5.56 -26.93
C GLN A 76 -14.99 7.05 -26.58
N GLN A 77 -16.17 7.48 -26.11
CA GLN A 77 -16.29 8.87 -25.67
C GLN A 77 -15.49 9.11 -24.41
N LEU A 78 -15.60 8.21 -23.43
CA LEU A 78 -14.85 8.34 -22.19
C LEU A 78 -13.35 8.27 -22.43
N ARG A 79 -12.90 7.47 -23.40
CA ARG A 79 -11.48 7.41 -23.74
C ARG A 79 -10.98 8.67 -24.44
N ASP A 80 -11.88 9.54 -24.90
CA ASP A 80 -11.50 10.74 -25.65
C ASP A 80 -11.29 11.88 -24.66
N PHE A 81 -10.03 12.12 -24.30
CA PHE A 81 -9.70 13.13 -23.31
C PHE A 81 -9.74 14.55 -23.86
N SER A 82 -9.92 14.71 -25.18
CA SER A 82 -9.99 16.01 -25.80
C SER A 82 -11.36 16.67 -25.62
N ARG A 83 -12.38 15.93 -25.22
CA ARG A 83 -13.73 16.47 -25.12
C ARG A 83 -14.34 16.10 -23.78
N GLY A 84 -15.23 16.97 -23.29
CA GLY A 84 -16.00 16.65 -22.11
C GLY A 84 -17.07 15.62 -22.39
N CYS A 85 -17.56 15.01 -21.30
CA CYS A 85 -18.65 14.05 -21.33
C CYS A 85 -19.80 14.58 -20.49
N TYR A 86 -21.01 14.58 -21.08
CA TYR A 86 -22.26 14.89 -20.39
C TYR A 86 -23.05 13.61 -20.26
N VAL A 87 -23.45 13.27 -19.05
CA VAL A 87 -24.20 12.07 -18.75
C VAL A 87 -25.64 12.45 -18.48
N VAL A 88 -26.56 11.68 -19.08
CA VAL A 88 -28.00 11.83 -18.92
C VAL A 88 -28.57 10.51 -18.43
N ASN A 89 -29.71 10.62 -17.74
CA ASN A 89 -30.47 9.48 -17.25
C ASN A 89 -31.79 9.43 -17.99
N HIS A 90 -31.93 8.47 -18.90
CA HIS A 90 -33.20 8.15 -19.52
C HIS A 90 -33.88 7.10 -18.64
N ASN A 91 -35.11 7.39 -18.15
CA ASN A 91 -35.89 6.51 -17.25
C ASN A 91 -35.87 5.07 -17.76
N GLU A 92 -35.56 4.93 -19.06
CA GLU A 92 -35.70 3.59 -19.68
C GLU A 92 -34.42 3.18 -20.40
N LYS A 93 -33.90 3.98 -21.35
CA LYS A 93 -32.75 3.43 -22.02
C LYS A 93 -31.53 3.43 -21.12
N GLY A 94 -31.63 4.03 -19.92
CA GLY A 94 -30.56 4.04 -18.94
C GLY A 94 -29.62 5.21 -19.06
N VAL A 95 -28.36 4.95 -18.75
CA VAL A 95 -27.34 5.99 -18.77
C VAL A 95 -26.88 6.23 -20.20
N GLY A 96 -26.79 7.50 -20.59
CA GLY A 96 -26.25 7.85 -21.88
C GLY A 96 -25.25 8.98 -21.76
N ILE A 97 -24.39 9.08 -22.78
CA ILE A 97 -23.31 10.06 -22.80
C ILE A 97 -23.37 10.83 -24.11
N ALA A 98 -23.13 12.14 -24.02
CA ALA A 98 -22.99 12.99 -25.18
C ALA A 98 -21.74 13.86 -25.02
N GLN A 99 -21.29 14.40 -26.15
CA GLN A 99 -20.16 15.32 -26.16
C GLN A 99 -20.57 16.72 -26.57
N THR A 100 -21.85 16.95 -26.83
CA THR A 100 -22.36 18.28 -27.13
C THR A 100 -23.57 18.54 -26.28
N ALA A 101 -23.61 19.73 -25.68
CA ALA A 101 -24.76 20.14 -24.89
C ALA A 101 -25.01 21.62 -25.17
N GLU A 102 -26.21 22.05 -24.84
CA GLU A 102 -26.62 23.43 -25.04
C GLU A 102 -27.16 23.96 -23.72
N LEU A 103 -27.03 25.26 -23.53
CA LEU A 103 -27.58 25.86 -22.33
C LEU A 103 -29.11 25.80 -22.41
N VAL A 104 -29.76 25.58 -21.28
CA VAL A 104 -31.18 25.25 -21.26
C VAL A 104 -32.00 26.34 -21.93
N ALA A 105 -31.51 27.58 -21.92
CA ALA A 105 -32.16 28.68 -22.63
C ALA A 105 -31.62 28.89 -24.05
N ASP A 106 -30.36 28.56 -24.31
CA ASP A 106 -29.79 28.90 -25.62
C ASP A 106 -30.40 28.06 -26.73
N GLN A 107 -30.33 26.74 -26.61
CA GLN A 107 -31.10 25.86 -27.48
C GLN A 107 -32.15 25.15 -26.62
N ALA A 108 -33.14 24.53 -27.26
CA ALA A 108 -34.36 24.18 -26.55
C ALA A 108 -34.27 22.86 -25.80
N SER A 111 -37.96 20.28 -26.46
CA SER A 111 -38.20 18.99 -25.85
C SER A 111 -37.40 17.88 -26.52
N ASN A 112 -37.65 16.65 -26.08
CA ASN A 112 -36.82 15.48 -26.39
C ASN A 112 -35.38 15.73 -25.99
N SER A 113 -35.19 16.73 -25.14
CA SER A 113 -33.93 17.11 -24.52
C SER A 113 -33.91 16.53 -23.12
N LEU A 114 -32.73 16.16 -22.66
CA LEU A 114 -32.71 15.72 -21.27
C LEU A 114 -31.72 16.55 -20.48
N PRO A 115 -31.92 16.70 -19.17
CA PRO A 115 -30.96 17.47 -18.37
C PRO A 115 -29.69 16.67 -18.09
N VAL A 116 -28.59 17.39 -17.98
CA VAL A 116 -27.29 16.76 -17.73
C VAL A 116 -27.26 16.32 -16.27
N ALA A 117 -27.18 15.00 -16.05
CA ALA A 117 -27.08 14.47 -14.70
C ALA A 117 -25.64 14.51 -14.20
N ALA A 118 -24.65 14.40 -15.08
CA ALA A 118 -23.27 14.50 -14.61
C ALA A 118 -22.39 15.01 -15.73
N PHE A 119 -21.24 15.56 -15.35
CA PHE A 119 -20.35 16.13 -16.36
C PHE A 119 -18.91 15.95 -15.91
N THR A 120 -18.04 15.66 -16.87
CA THR A 120 -16.62 15.66 -16.60
C THR A 120 -15.93 16.29 -17.80
N PRO A 121 -15.02 17.24 -17.58
CA PRO A 121 -14.45 18.01 -18.69
C PRO A 121 -13.29 17.29 -19.36
N ALA A 122 -12.76 17.93 -20.42
CA ALA A 122 -11.64 17.41 -21.18
C ALA A 122 -10.37 17.48 -20.34
N LEU A 123 -9.89 16.33 -19.88
CA LEU A 123 -8.70 16.24 -19.03
C LEU A 123 -7.97 14.95 -19.38
N GLY A 124 -6.67 15.05 -19.62
CA GLY A 124 -5.88 13.87 -19.94
C GLY A 124 -4.79 13.56 -18.92
N THR A 125 -3.71 12.95 -19.39
CA THR A 125 -2.65 12.49 -18.50
C THR A 125 -1.97 13.66 -17.79
N GLU A 126 -1.98 14.83 -18.42
CA GLU A 126 -1.37 16.01 -17.82
C GLU A 126 -2.12 16.50 -16.59
N SER A 127 -3.34 16.02 -16.34
CA SER A 127 -4.04 16.35 -15.12
C SER A 127 -3.60 15.50 -13.93
N LEU A 128 -2.73 14.51 -14.15
CA LEU A 128 -2.26 13.63 -13.09
C LEU A 128 -0.88 14.08 -12.62
N GLY A 129 -0.68 14.13 -11.32
CA GLY A 129 0.63 14.43 -10.78
C GLY A 129 0.92 15.92 -10.79
N ASP A 130 2.20 16.21 -10.59
CA ASP A 130 2.67 17.58 -10.38
C ASP A 130 3.22 18.15 -11.69
N SER A 131 2.59 19.22 -12.18
CA SER A 131 3.05 19.87 -13.39
C SER A 131 4.47 20.41 -13.24
N ASN A 132 4.88 20.74 -12.00
CA ASN A 132 6.24 21.22 -11.78
C ASN A 132 7.26 20.10 -11.95
N PHE A 133 6.90 18.86 -11.63
CA PHE A 133 7.78 17.74 -11.97
C PHE A 133 8.03 17.69 -13.46
N ARG A 134 6.95 17.71 -14.26
CA ARG A 134 7.07 17.64 -15.70
C ARG A 134 7.90 18.80 -16.25
N ARG A 135 7.70 20.00 -15.70
CA ARG A 135 8.46 21.15 -16.14
C ARG A 135 9.94 21.02 -15.79
N VAL A 136 10.25 20.68 -14.54
CA VAL A 136 11.64 20.67 -14.08
C VAL A 136 12.42 19.58 -14.79
N HIS A 137 11.80 18.44 -15.05
CA HIS A 137 12.52 17.35 -15.69
C HIS A 137 12.32 17.28 -17.20
N GLY A 138 11.48 18.15 -17.77
CA GLY A 138 11.31 18.20 -19.22
C GLY A 138 10.73 16.91 -19.76
N VAL A 139 9.65 16.44 -19.15
CA VAL A 139 9.06 15.16 -19.50
C VAL A 139 7.59 15.38 -19.78
N LYS A 140 7.01 14.47 -20.55
CA LYS A 140 5.61 14.58 -20.92
C LYS A 140 4.67 13.96 -19.88
N TYR A 141 5.20 13.21 -18.92
CA TYR A 141 4.37 12.50 -17.95
C TYR A 141 5.00 12.59 -16.56
N ALA A 142 4.14 12.62 -15.54
CA ALA A 142 4.58 12.61 -14.15
C ALA A 142 4.86 11.16 -13.76
N TYR A 143 6.03 10.68 -14.16
CA TYR A 143 6.30 9.25 -14.22
C TYR A 143 7.80 9.05 -14.36
N TYR A 144 8.34 8.02 -13.72
CA TYR A 144 9.66 7.60 -14.16
C TYR A 144 9.84 6.11 -13.95
N ALA A 145 10.63 5.51 -14.84
CA ALA A 145 11.05 4.13 -14.72
C ALA A 145 12.31 4.11 -13.86
N GLY A 146 12.27 3.41 -12.74
CA GLY A 146 13.37 3.46 -11.80
C GLY A 146 14.57 2.66 -12.26
N ALA A 147 15.70 2.98 -11.64
CA ALA A 147 16.93 2.27 -11.94
C ALA A 147 16.74 0.77 -11.74
N MET A 148 17.44 -0.01 -12.56
CA MET A 148 17.51 -1.45 -12.40
C MET A 148 18.96 -1.88 -12.53
N ALA A 149 19.49 -2.50 -11.48
CA ALA A 149 20.92 -2.66 -11.26
C ALA A 149 21.62 -3.37 -12.42
N ASN A 150 22.92 -3.12 -12.52
CA ASN A 150 23.80 -3.81 -13.46
C ASN A 150 23.32 -3.68 -14.91
N GLY A 151 22.80 -2.51 -15.26
CA GLY A 151 22.39 -2.23 -16.61
C GLY A 151 21.08 -2.83 -17.04
N ILE A 152 20.28 -3.37 -16.13
CA ILE A 152 18.94 -3.81 -16.53
C ILE A 152 18.12 -2.63 -17.02
N SER A 153 18.17 -1.50 -16.31
CA SER A 153 17.68 -0.25 -16.91
C SER A 153 18.80 0.25 -17.82
N SER A 154 18.82 -0.32 -19.03
CA SER A 154 19.90 -0.27 -20.01
C SER A 154 19.90 1.05 -20.77
N GLU A 155 20.94 1.24 -21.59
CA GLU A 155 20.94 2.38 -22.50
C GLU A 155 19.75 2.31 -23.47
N GLU A 156 19.42 1.12 -23.95
CA GLU A 156 18.28 0.98 -24.86
C GLU A 156 16.98 1.39 -24.17
N LEU A 157 16.80 0.98 -22.92
CA LEU A 157 15.59 1.36 -22.18
C LEU A 157 15.54 2.86 -21.96
N VAL A 158 16.66 3.44 -21.46
CA VAL A 158 16.71 4.88 -21.22
C VAL A 158 16.39 5.65 -22.49
N ILE A 159 16.98 5.23 -23.61
CA ILE A 159 16.85 6.01 -24.83
C ILE A 159 15.43 5.85 -25.40
N ALA A 160 14.88 4.64 -25.35
CA ALA A 160 13.53 4.43 -25.81
C ALA A 160 12.54 5.28 -25.02
N LEU A 161 12.64 5.28 -23.69
CA LEU A 161 11.72 6.09 -22.89
C LEU A 161 11.97 7.59 -23.08
N GLY A 162 13.23 8.03 -23.03
CA GLY A 162 13.51 9.45 -23.16
C GLY A 162 13.12 10.02 -24.52
N GLN A 163 13.23 9.20 -25.57
CA GLN A 163 12.78 9.66 -26.89
C GLN A 163 11.27 9.88 -26.91
N ALA A 164 10.51 9.14 -26.09
CA ALA A 164 9.07 9.35 -25.94
C ALA A 164 8.74 10.39 -24.88
N GLY A 165 9.73 11.11 -24.37
CA GLY A 165 9.46 12.10 -23.34
C GLY A 165 9.26 11.57 -21.93
N ILE A 166 9.83 10.42 -21.59
CA ILE A 166 9.57 9.76 -20.31
C ILE A 166 10.90 9.58 -19.58
N LEU A 167 10.92 9.97 -18.30
CA LEU A 167 12.15 9.91 -17.51
C LEU A 167 12.49 8.46 -17.18
N CYS A 168 13.76 8.10 -17.35
CA CYS A 168 14.18 6.77 -16.94
C CYS A 168 15.57 6.91 -16.35
N SER A 169 15.91 6.02 -15.41
CA SER A 169 17.13 6.11 -14.63
C SER A 169 18.06 4.97 -15.02
N PHE A 170 19.28 5.32 -15.47
CA PHE A 170 20.21 4.29 -15.92
C PHE A 170 20.75 3.51 -14.74
N GLY A 171 20.79 2.18 -14.87
CA GLY A 171 21.12 1.30 -13.77
C GLY A 171 22.61 1.12 -13.58
N ALA A 172 23.27 2.15 -13.05
CA ALA A 172 24.73 2.14 -12.93
C ALA A 172 25.22 1.28 -11.78
N ALA A 173 24.37 0.88 -10.83
CA ALA A 173 24.83 0.09 -9.70
C ALA A 173 25.48 -1.21 -10.18
N GLY A 174 26.65 -1.52 -9.62
CA GLY A 174 27.36 -2.72 -9.97
C GLY A 174 28.13 -2.69 -11.27
N LEU A 175 28.08 -1.59 -12.03
CA LEU A 175 28.81 -1.46 -13.27
C LEU A 175 30.12 -0.72 -13.03
N ILE A 176 31.17 -1.11 -13.74
CA ILE A 176 32.49 -0.50 -13.55
C ILE A 176 32.48 0.88 -14.19
N PRO A 177 33.35 1.80 -13.75
CA PRO A 177 33.29 3.19 -14.24
C PRO A 177 33.35 3.35 -15.75
N SER A 178 34.16 2.56 -16.46
CA SER A 178 34.24 2.73 -17.92
C SER A 178 32.92 2.35 -18.58
N ARG A 179 32.23 1.35 -18.04
CA ARG A 179 30.90 1.00 -18.53
C ARG A 179 29.92 2.15 -18.32
N VAL A 180 30.00 2.82 -17.17
CA VAL A 180 29.10 3.94 -16.89
C VAL A 180 29.40 5.13 -17.77
N GLU A 181 30.68 5.44 -17.99
CA GLU A 181 31.04 6.57 -18.85
C GLU A 181 30.56 6.29 -20.26
N LYS A 182 30.62 5.02 -20.62
CA LYS A 182 30.17 4.55 -21.92
C LYS A 182 28.66 4.82 -22.07
N ALA A 183 27.90 4.51 -21.01
CA ALA A 183 26.46 4.76 -21.02
C ALA A 183 26.17 6.25 -21.05
N ILE A 184 26.93 7.04 -20.31
CA ILE A 184 26.76 8.49 -20.35
C ILE A 184 26.91 9.01 -21.77
N ASN A 185 28.00 8.62 -22.43
CA ASN A 185 28.24 9.08 -23.80
C ASN A 185 27.11 8.68 -24.74
N ARG A 186 26.70 7.40 -24.69
CA ARG A 186 25.63 6.95 -25.57
C ARG A 186 24.32 7.68 -25.30
N ILE A 187 23.90 7.74 -24.03
CA ILE A 187 22.62 8.35 -23.71
C ILE A 187 22.63 9.83 -24.07
N GLN A 188 23.73 10.53 -23.80
CA GLN A 188 23.77 11.94 -24.12
C GLN A 188 23.81 12.18 -25.61
N ALA A 189 24.41 11.26 -26.38
CA ALA A 189 24.41 11.41 -27.83
C ALA A 189 23.00 11.23 -28.38
N ALA A 190 22.24 10.29 -27.82
CA ALA A 190 20.87 10.10 -28.28
C ALA A 190 19.91 11.15 -27.73
N LEU A 191 20.19 11.71 -26.55
CA LEU A 191 19.29 12.64 -25.87
C LEU A 191 20.05 13.90 -25.46
N PRO A 192 20.44 14.73 -26.44
CA PRO A 192 21.25 15.91 -26.09
C PRO A 192 20.55 16.87 -25.15
N ASN A 193 19.22 16.90 -25.14
CA ASN A 193 18.45 17.75 -24.24
C ASN A 193 17.64 16.94 -23.22
N GLY A 194 17.99 15.68 -23.00
CA GLY A 194 17.28 14.83 -22.07
C GLY A 194 15.95 14.38 -22.66
N PRO A 195 15.08 13.77 -21.83
CA PRO A 195 15.27 13.54 -20.39
C PRO A 195 15.96 12.21 -20.08
N TYR A 196 16.64 12.14 -18.94
CA TYR A 196 17.25 10.92 -18.41
C TYR A 196 17.82 11.28 -17.05
N MET A 197 18.15 10.25 -16.28
CA MET A 197 18.94 10.44 -15.07
C MET A 197 19.80 9.20 -14.85
N PHE A 198 20.76 9.32 -13.94
CA PHE A 198 21.64 8.20 -13.62
C PHE A 198 21.51 7.84 -12.15
N ASN A 199 21.58 6.55 -11.85
CA ASN A 199 21.45 6.10 -10.48
C ASN A 199 22.78 6.25 -9.76
N LEU A 200 22.78 7.02 -8.68
CA LEU A 200 23.86 7.04 -7.71
C LEU A 200 23.39 6.22 -6.51
N ILE A 201 23.95 5.05 -6.37
CA ILE A 201 23.64 4.18 -5.25
C ILE A 201 24.68 4.46 -4.16
N HIS A 202 24.20 4.58 -2.93
CA HIS A 202 25.10 4.82 -1.81
C HIS A 202 26.03 3.64 -1.61
N SER A 203 27.33 3.93 -1.47
CA SER A 203 28.36 2.92 -1.23
C SER A 203 28.89 3.10 0.19
N PRO A 204 28.25 2.50 1.20
CA PRO A 204 28.68 2.77 2.59
C PRO A 204 30.11 2.34 2.87
N SER A 205 30.53 1.19 2.38
CA SER A 205 31.91 0.74 2.60
C SER A 205 32.93 1.64 1.89
N GLU A 206 32.59 2.15 0.71
CA GLU A 206 33.59 2.69 -0.24
C GLU A 206 33.19 4.08 -0.71
N PRO A 207 33.37 5.10 0.12
CA PRO A 207 33.05 6.48 -0.29
C PRO A 207 33.80 6.95 -1.52
N ALA A 208 34.98 6.37 -1.80
CA ALA A 208 35.73 6.80 -2.98
C ALA A 208 35.01 6.44 -4.27
N LEU A 209 34.41 5.24 -4.34
CA LEU A 209 33.66 4.87 -5.53
C LEU A 209 32.50 5.84 -5.77
N GLU A 210 31.75 6.13 -4.72
CA GLU A 210 30.67 7.11 -4.78
C GLU A 210 31.18 8.47 -5.26
N ARG A 211 32.33 8.91 -4.75
CA ARG A 211 32.86 10.21 -5.16
C ARG A 211 33.27 10.18 -6.62
N GLY A 212 33.82 9.06 -7.09
CA GLY A 212 34.18 8.93 -8.49
C GLY A 212 32.97 8.96 -9.39
N SER A 213 31.87 8.31 -8.98
CA SER A 213 30.65 8.36 -9.76
C SER A 213 30.13 9.79 -9.86
N VAL A 214 30.16 10.53 -8.77
CA VAL A 214 29.73 11.93 -8.81
C VAL A 214 30.63 12.75 -9.73
N GLU A 215 31.95 12.52 -9.66
CA GLU A 215 32.85 13.30 -10.50
C GLU A 215 32.70 12.95 -11.98
N LEU A 216 32.40 11.69 -12.29
CA LEU A 216 32.07 11.34 -13.67
C LEU A 216 30.80 12.05 -14.12
N PHE A 217 29.77 12.11 -13.25
CA PHE A 217 28.54 12.82 -13.62
C PHE A 217 28.79 14.31 -13.80
N LEU A 218 29.63 14.91 -12.96
CA LEU A 218 29.90 16.33 -13.06
C LEU A 218 30.70 16.64 -14.32
N LYS A 219 31.72 15.83 -14.62
CA LYS A 219 32.53 16.01 -15.81
C LYS A 219 31.68 16.06 -17.07
N HIS A 220 30.69 15.18 -17.18
CA HIS A 220 29.89 15.09 -18.39
C HIS A 220 28.59 15.88 -18.31
N LYS A 221 28.42 16.71 -17.27
CA LYS A 221 27.21 17.50 -17.09
C LYS A 221 25.95 16.62 -17.11
N VAL A 222 26.04 15.46 -16.45
CA VAL A 222 24.84 14.70 -16.12
C VAL A 222 24.09 15.49 -15.05
N ARG A 223 22.93 16.03 -15.40
CA ARG A 223 22.21 16.99 -14.58
C ARG A 223 21.14 16.35 -13.69
N THR A 224 20.98 15.03 -13.71
CA THR A 224 19.95 14.42 -12.89
C THR A 224 20.41 13.07 -12.38
N VAL A 225 20.28 12.88 -11.06
CA VAL A 225 20.71 11.69 -10.37
C VAL A 225 19.55 11.16 -9.55
N GLU A 226 19.30 9.85 -9.63
CA GLU A 226 18.42 9.16 -8.70
C GLU A 226 19.33 8.61 -7.61
N ALA A 227 19.24 9.17 -6.41
CA ALA A 227 20.07 8.78 -5.29
C ALA A 227 19.33 7.75 -4.44
N SER A 228 19.89 6.56 -4.32
CA SER A 228 19.19 5.52 -3.59
C SER A 228 20.13 4.77 -2.66
N ALA A 229 19.52 4.04 -1.72
CA ALA A 229 20.15 3.27 -0.66
C ALA A 229 20.89 4.11 0.37
N PHE A 230 20.65 5.42 0.39
CA PHE A 230 21.26 6.28 1.39
C PHE A 230 20.54 6.16 2.72
N LEU A 231 21.30 6.30 3.81
CA LEU A 231 20.76 6.39 5.16
C LEU A 231 20.86 7.81 5.70
N GLY A 232 21.28 8.74 4.86
CA GLY A 232 21.43 10.13 5.23
C GLY A 232 22.23 10.82 4.14
N LEU A 233 22.66 12.04 4.45
CA LEU A 233 23.53 12.74 3.53
C LEU A 233 24.95 12.19 3.60
N THR A 234 25.67 12.33 2.51
CA THR A 234 27.10 12.04 2.42
C THR A 234 27.77 13.21 1.73
N PRO A 235 29.09 13.38 1.91
CA PRO A 235 29.78 14.48 1.23
C PRO A 235 29.67 14.41 -0.29
N GLN A 236 29.57 13.20 -0.85
CA GLN A 236 29.56 13.04 -2.29
C GLN A 236 28.27 13.57 -2.92
N ILE A 237 27.12 13.18 -2.37
CA ILE A 237 25.86 13.64 -2.94
C ILE A 237 25.66 15.13 -2.69
N VAL A 238 26.08 15.61 -1.52
CA VAL A 238 26.01 17.04 -1.24
C VAL A 238 26.92 17.81 -2.18
N TYR A 239 28.08 17.24 -2.50
CA TYR A 239 28.99 17.84 -3.46
C TYR A 239 28.32 17.94 -4.83
N TYR A 240 27.73 16.83 -5.30
CA TYR A 240 27.02 16.87 -6.58
C TYR A 240 25.95 17.95 -6.56
N ARG A 241 25.22 18.07 -5.45
CA ARG A 241 24.13 19.03 -5.37
C ARG A 241 24.65 20.46 -5.40
N ALA A 242 25.67 20.76 -4.60
CA ALA A 242 26.15 22.14 -4.46
C ALA A 242 26.92 22.60 -5.69
N ALA A 243 27.63 21.70 -6.35
CA ALA A 243 28.39 22.07 -7.54
C ALA A 243 27.51 22.61 -8.67
N GLY A 244 26.19 22.35 -8.62
CA GLY A 244 25.28 22.84 -9.63
C GLY A 244 24.52 24.09 -9.25
N LEU A 245 24.91 24.78 -8.19
CA LEU A 245 24.15 25.91 -7.68
C LEU A 245 24.83 27.21 -8.09
N SER A 246 24.01 28.15 -8.54
CA SER A 246 24.52 29.49 -8.88
C SER A 246 23.33 30.44 -8.83
N ARG A 247 23.52 31.68 -9.25
CA ARG A 247 22.41 32.58 -9.51
C ARG A 247 22.51 33.23 -10.87
N ASP A 248 21.35 33.45 -11.50
CA ASP A 248 21.28 34.22 -12.72
C ASP A 248 21.47 35.71 -12.40
N ALA A 249 21.59 36.53 -13.46
CA ALA A 249 21.73 37.98 -13.26
C ALA A 249 20.55 38.60 -12.53
N GLN A 250 19.51 37.85 -12.24
CA GLN A 250 18.26 38.42 -11.76
C GLN A 250 17.94 38.06 -10.33
N GLY A 251 18.76 37.28 -9.66
CA GLY A 251 18.46 36.97 -8.29
C GLY A 251 17.87 35.58 -8.14
N ASN A 252 17.03 35.15 -9.09
CA ASN A 252 16.63 33.76 -9.18
C ASN A 252 17.85 32.86 -9.02
N ILE A 253 17.70 31.82 -8.22
CA ILE A 253 18.79 30.91 -7.93
C ILE A 253 18.63 29.69 -8.83
N VAL A 254 19.74 29.19 -9.35
CA VAL A 254 19.74 28.18 -10.40
C VAL A 254 20.27 26.88 -9.81
N VAL A 255 19.43 25.85 -9.89
CA VAL A 255 19.73 24.50 -9.45
C VAL A 255 19.93 23.68 -10.72
N ALA A 256 21.20 23.48 -11.09
CA ALA A 256 21.53 22.82 -12.35
C ALA A 256 21.68 21.32 -12.20
N ASN A 257 22.14 20.84 -11.04
CA ASN A 257 22.28 19.42 -10.77
C ASN A 257 21.09 18.96 -9.93
N LYS A 258 20.18 18.22 -10.56
CA LYS A 258 18.93 17.81 -9.94
C LYS A 258 19.08 16.45 -9.27
N VAL A 259 18.36 16.27 -8.16
CA VAL A 259 18.46 15.06 -7.35
C VAL A 259 17.06 14.54 -7.03
N ILE A 260 16.83 13.27 -7.34
CA ILE A 260 15.65 12.55 -6.87
C ILE A 260 16.13 11.53 -5.87
N ALA A 261 15.76 11.70 -4.61
CA ALA A 261 16.19 10.79 -3.55
C ALA A 261 15.09 9.76 -3.31
N LYS A 262 15.44 8.49 -3.47
CA LYS A 262 14.50 7.40 -3.25
C LYS A 262 14.73 6.84 -1.86
N VAL A 263 13.68 6.84 -1.04
CA VAL A 263 13.79 6.52 0.38
C VAL A 263 12.57 5.72 0.79
N SER A 264 12.69 5.02 1.92
CA SER A 264 11.57 4.33 2.56
C SER A 264 11.47 4.64 4.04
N ARG A 265 12.34 5.50 4.58
CA ARG A 265 12.36 5.81 6.01
C ARG A 265 12.23 7.32 6.21
N THR A 266 11.42 7.72 7.21
CA THR A 266 11.10 9.14 7.41
C THR A 266 12.36 9.97 7.67
N GLU A 267 13.32 9.44 8.43
CA GLU A 267 14.50 10.23 8.80
C GLU A 267 15.41 10.50 7.60
N VAL A 268 15.55 9.54 6.69
CA VAL A 268 16.34 9.76 5.47
C VAL A 268 15.66 10.77 4.57
N ALA A 269 14.34 10.65 4.43
CA ALA A 269 13.56 11.63 3.69
C ALA A 269 13.79 13.03 4.26
N GLU A 270 13.79 13.13 5.60
CA GLU A 270 14.04 14.41 6.25
C GLU A 270 15.37 14.99 5.84
N LYS A 271 16.41 14.15 5.80
CA LYS A 271 17.73 14.67 5.43
C LYS A 271 17.71 15.23 4.02
N PHE A 272 16.97 14.60 3.11
CA PHE A 272 16.98 15.14 1.75
C PHE A 272 15.99 16.28 1.54
N MET A 273 15.01 16.43 2.41
CA MET A 273 14.06 17.55 2.25
C MET A 273 14.64 18.86 2.76
N MET A 274 15.45 18.81 3.80
CA MET A 274 16.13 19.97 4.36
C MET A 274 17.46 20.23 3.63
N PRO A 275 17.94 21.47 3.63
CA PRO A 275 19.20 21.80 2.97
C PRO A 275 20.37 21.04 3.56
N ALA A 276 21.42 20.97 2.76
CA ALA A 276 22.67 20.39 3.20
C ALA A 276 23.13 21.16 4.44
N PRO A 277 23.63 20.46 5.46
CA PRO A 277 24.07 21.16 6.67
C PRO A 277 25.31 21.99 6.42
N ALA A 278 25.29 23.22 6.97
CA ALA A 278 26.38 24.17 6.83
C ALA A 278 27.76 23.57 7.09
N LYS A 279 27.85 22.62 8.03
CA LYS A 279 29.15 22.03 8.34
C LYS A 279 29.71 21.24 7.16
N MET A 280 28.86 20.43 6.52
CA MET A 280 29.34 19.61 5.41
C MET A 280 29.74 20.49 4.23
N LEU A 281 29.02 21.59 4.04
CA LEU A 281 29.36 22.49 2.95
C LEU A 281 30.63 23.26 3.23
N GLN A 282 30.87 23.64 4.50
CA GLN A 282 32.13 24.31 4.81
C GLN A 282 33.31 23.36 4.69
N LYS A 283 33.11 22.07 4.96
CA LYS A 283 34.21 21.14 4.69
C LYS A 283 34.35 20.85 3.21
N LEU A 284 33.37 21.24 2.39
CA LEU A 284 33.57 21.06 0.96
C LEU A 284 34.25 22.30 0.37
N VAL A 285 33.99 23.48 0.96
CA VAL A 285 34.75 24.70 0.65
C VAL A 285 36.16 24.54 1.13
N ASP A 286 36.35 23.58 2.01
CA ASP A 286 37.64 23.27 2.57
C ASP A 286 38.63 22.87 1.49
N GLU A 287 38.27 21.89 0.66
CA GLU A 287 39.14 21.45 -0.43
C GLU A 287 38.87 22.17 -1.75
N GLY A 288 39.22 21.49 -2.86
CA GLY A 288 39.10 21.97 -4.23
C GLY A 288 37.81 21.45 -4.84
N SER A 289 36.73 21.46 -4.05
CA SER A 289 35.43 20.94 -4.49
C SER A 289 34.35 21.98 -4.76
N ILE A 290 33.99 22.89 -3.82
CA ILE A 290 32.91 23.85 -4.05
C ILE A 290 33.35 25.29 -3.79
N THR A 291 32.46 26.26 -4.07
CA THR A 291 32.78 27.69 -4.01
C THR A 291 31.97 28.50 -2.96
N PRO A 292 32.42 29.69 -2.55
CA PRO A 292 31.63 30.50 -1.61
C PRO A 292 30.20 31.00 -2.12
N GLU A 293 30.00 30.72 -3.41
CA GLU A 293 28.71 30.92 -4.10
C GLU A 293 27.98 29.57 -4.08
N GLN A 294 28.63 28.48 -3.65
CA GLN A 294 27.96 27.15 -3.64
C GLN A 294 27.30 26.92 -2.28
N MET A 295 28.04 27.23 -1.21
CA MET A 295 27.58 27.04 0.20
C MET A 295 26.41 27.98 0.55
N GLU A 296 26.57 29.29 0.33
CA GLU A 296 25.50 30.27 0.71
C GLU A 296 24.13 29.86 0.17
N LEU A 297 24.11 29.24 -1.02
CA LEU A 297 22.93 28.85 -1.74
C LEU A 297 22.51 27.42 -1.40
N ALA A 298 23.49 26.57 -1.12
CA ALA A 298 23.17 25.21 -0.77
C ALA A 298 22.37 25.21 0.52
N GLN A 299 22.55 26.22 1.38
CA GLN A 299 21.73 26.22 2.58
C GLN A 299 20.34 26.83 2.39
N LEU A 300 19.99 27.30 1.18
CA LEU A 300 18.66 27.83 0.94
C LEU A 300 17.84 26.95 0.01
N VAL A 301 18.36 25.78 -0.37
CA VAL A 301 17.66 24.87 -1.25
C VAL A 301 17.65 23.49 -0.61
N PRO A 302 16.62 22.67 -0.84
CA PRO A 302 16.63 21.31 -0.31
C PRO A 302 17.69 20.48 -0.99
N MET A 303 18.14 19.44 -0.30
CA MET A 303 19.11 18.54 -0.90
C MET A 303 18.55 17.78 -2.09
N ALA A 304 17.22 17.66 -2.21
CA ALA A 304 16.61 16.96 -3.31
C ALA A 304 15.40 17.73 -3.82
N ASP A 305 15.22 17.74 -5.15
CA ASP A 305 14.03 18.34 -5.73
C ASP A 305 12.82 17.45 -5.59
N ASP A 306 13.02 16.13 -5.59
CA ASP A 306 11.95 15.16 -5.53
C ASP A 306 12.34 14.05 -4.57
N ILE A 307 11.36 13.57 -3.79
CA ILE A 307 11.55 12.44 -2.90
C ILE A 307 10.67 11.31 -3.38
N THR A 308 11.27 10.19 -3.75
CA THR A 308 10.51 9.01 -4.13
C THR A 308 10.29 8.14 -2.89
N ALA A 309 9.04 8.04 -2.45
CA ALA A 309 8.69 7.10 -1.39
C ALA A 309 8.60 5.72 -2.03
N GLU A 310 9.54 4.84 -1.72
CA GLU A 310 9.62 3.52 -2.34
C GLU A 310 8.93 2.52 -1.41
N ALA A 311 7.72 2.13 -1.77
CA ALA A 311 6.98 1.13 -1.00
C ALA A 311 7.48 -0.26 -1.39
N ASP A 312 6.80 -1.28 -0.86
CA ASP A 312 7.05 -2.68 -1.18
C ASP A 312 7.32 -2.86 -2.66
N SER A 313 8.54 -3.30 -2.99
CA SER A 313 9.03 -3.27 -4.36
C SER A 313 9.82 -4.54 -4.65
N GLY A 314 10.07 -4.79 -5.93
CA GLY A 314 11.12 -5.71 -6.31
C GLY A 314 12.50 -5.23 -5.86
N GLY A 315 13.41 -6.19 -5.68
CA GLY A 315 14.76 -5.84 -5.30
C GLY A 315 14.85 -5.46 -3.83
N HIS A 316 15.76 -4.52 -3.53
CA HIS A 316 15.93 -4.07 -2.15
C HIS A 316 14.65 -3.38 -1.68
N THR A 317 14.16 -3.77 -0.52
CA THR A 317 12.89 -3.23 -0.05
C THR A 317 12.71 -3.49 1.43
N ASP A 318 11.97 -2.58 2.08
CA ASP A 318 11.47 -2.74 3.44
C ASP A 318 10.05 -3.29 3.50
N ASN A 319 9.51 -3.61 2.32
CA ASN A 319 8.14 -4.16 2.16
C ASN A 319 7.18 -3.25 2.93
N ARG A 320 7.23 -1.94 2.68
CA ARG A 320 6.33 -1.03 3.42
C ARG A 320 5.08 -0.80 2.59
N PRO A 321 3.87 -0.82 3.15
CA PRO A 321 2.67 -0.57 2.39
C PRO A 321 2.72 0.83 1.74
N LEU A 322 2.28 0.92 0.48
CA LEU A 322 2.25 2.21 -0.24
C LEU A 322 1.23 3.14 0.43
N VAL A 323 0.17 2.56 1.00
CA VAL A 323 -0.89 3.34 1.62
C VAL A 323 -0.52 3.84 3.01
N THR A 324 0.59 3.37 3.61
CA THR A 324 1.09 3.95 4.85
C THR A 324 2.39 4.72 4.67
N LEU A 325 3.28 4.26 3.79
CA LEU A 325 4.53 5.00 3.57
C LEU A 325 4.25 6.35 2.90
N LEU A 326 3.43 6.37 1.86
CA LEU A 326 3.24 7.63 1.14
C LEU A 326 2.60 8.71 2.02
N PRO A 327 1.54 8.44 2.80
CA PRO A 327 1.03 9.50 3.69
C PRO A 327 2.03 9.98 4.70
N THR A 328 2.91 9.10 5.19
CA THR A 328 3.91 9.51 6.17
C THR A 328 4.89 10.51 5.56
N ILE A 329 5.39 10.19 4.37
CA ILE A 329 6.34 11.06 3.70
C ILE A 329 5.66 12.36 3.25
N LEU A 330 4.39 12.31 2.87
CA LEU A 330 3.68 13.53 2.49
C LEU A 330 3.46 14.46 3.69
N ALA A 331 3.09 13.89 4.85
CA ALA A 331 2.96 14.72 6.04
C ALA A 331 4.30 15.36 6.40
N LEU A 332 5.39 14.60 6.31
CA LEU A 332 6.70 15.19 6.54
C LEU A 332 7.00 16.29 5.53
N LYS A 333 6.62 16.08 4.27
CA LYS A 333 6.84 17.09 3.23
C LYS A 333 6.16 18.39 3.59
N GLU A 334 4.90 18.33 4.03
CA GLU A 334 4.21 19.58 4.34
C GLU A 334 4.83 20.25 5.56
N GLU A 335 5.28 19.47 6.54
CA GLU A 335 5.97 20.06 7.68
C GLU A 335 7.21 20.84 7.24
N ILE A 336 8.11 20.18 6.50
CA ILE A 336 9.37 20.80 6.13
C ILE A 336 9.16 21.95 5.14
N GLN A 337 8.18 21.83 4.23
CA GLN A 337 7.95 22.89 3.26
C GLN A 337 7.36 24.12 3.93
N THR A 338 6.46 23.93 4.89
CA THR A 338 5.95 25.07 5.65
C THR A 338 7.08 25.71 6.46
N LYS A 339 8.03 24.93 6.94
CA LYS A 339 9.14 25.52 7.69
C LYS A 339 10.05 26.35 6.77
N TYR A 340 10.51 25.79 5.66
CA TYR A 340 11.56 26.44 4.86
C TYR A 340 11.02 27.34 3.76
N GLN A 341 9.76 27.21 3.37
CA GLN A 341 9.11 28.11 2.42
C GLN A 341 9.91 28.25 1.12
N TYR A 342 10.36 27.12 0.59
CA TYR A 342 11.10 27.13 -0.67
C TYR A 342 10.28 27.78 -1.78
N PRO A 343 10.89 28.65 -2.60
CA PRO A 343 10.14 29.20 -3.75
C PRO A 343 9.67 28.09 -4.68
N THR A 344 10.53 27.12 -4.98
CA THR A 344 10.10 25.92 -5.68
C THR A 344 9.94 24.81 -4.64
N PRO A 345 8.71 24.39 -4.34
CA PRO A 345 8.50 23.45 -3.24
C PRO A 345 9.10 22.07 -3.52
N ILE A 346 9.52 21.41 -2.45
CA ILE A 346 9.88 20.00 -2.56
C ILE A 346 8.67 19.17 -2.96
N ARG A 347 8.91 18.13 -3.75
CA ARG A 347 7.87 17.22 -4.22
C ARG A 347 8.14 15.81 -3.73
N VAL A 348 7.07 15.04 -3.56
CA VAL A 348 7.15 13.64 -3.17
C VAL A 348 6.37 12.81 -4.17
N GLY A 349 7.06 11.85 -4.81
CA GLY A 349 6.44 10.84 -5.65
C GLY A 349 6.55 9.47 -5.01
N CYS A 350 6.07 8.47 -5.72
CA CYS A 350 5.94 7.18 -5.06
C CYS A 350 5.96 6.01 -6.04
N GLY A 351 6.68 4.96 -5.67
CA GLY A 351 6.62 3.69 -6.37
C GLY A 351 6.60 2.53 -5.38
N GLY A 352 6.45 1.32 -5.92
CA GLY A 352 6.37 0.11 -5.12
C GLY A 352 4.96 -0.44 -5.06
N GLY A 353 4.64 -1.36 -5.97
CA GLY A 353 3.29 -1.88 -6.11
C GLY A 353 2.51 -1.32 -7.30
N VAL A 354 3.12 -0.51 -8.16
CA VAL A 354 2.40 0.11 -9.27
C VAL A 354 2.61 -0.76 -10.52
N GLY A 355 1.62 -1.59 -10.82
CA GLY A 355 1.64 -2.45 -11.99
C GLY A 355 0.39 -2.37 -12.84
N THR A 356 -0.60 -1.59 -12.40
CA THR A 356 -1.91 -1.50 -13.05
C THR A 356 -2.33 -0.08 -13.06
N PRO A 357 -3.25 0.33 -13.95
CA PRO A 357 -3.73 1.71 -13.95
C PRO A 357 -4.44 2.06 -12.65
N ASP A 358 -5.09 1.09 -12.02
CA ASP A 358 -5.77 1.34 -10.75
C ASP A 358 -4.76 1.71 -9.65
N ALA A 359 -3.66 0.97 -9.56
CA ALA A 359 -2.64 1.30 -8.55
C ALA A 359 -2.01 2.66 -8.82
N ALA A 360 -1.75 2.97 -10.10
CA ALA A 360 -1.21 4.27 -10.47
C ALA A 360 -2.15 5.40 -10.04
N LEU A 361 -3.45 5.25 -10.34
CA LEU A 361 -4.41 6.27 -9.96
C LEU A 361 -4.49 6.41 -8.44
N ALA A 362 -4.48 5.29 -7.71
CA ALA A 362 -4.51 5.38 -6.25
C ALA A 362 -3.30 6.15 -5.74
N THR A 363 -2.13 5.93 -6.33
CA THR A 363 -0.92 6.64 -5.91
C THR A 363 -1.05 8.15 -6.16
N PHE A 364 -1.49 8.52 -7.37
CA PHE A 364 -1.75 9.95 -7.64
C PHE A 364 -2.81 10.53 -6.69
N ASN A 365 -3.87 9.77 -6.43
CA ASN A 365 -5.00 10.29 -5.66
C ASN A 365 -4.60 10.58 -4.22
N MET A 366 -3.61 9.85 -3.71
CA MET A 366 -3.07 10.10 -2.38
C MET A 366 -2.20 11.35 -2.30
N GLY A 367 -1.80 11.92 -3.43
CA GLY A 367 -0.98 13.13 -3.44
C GLY A 367 0.38 12.98 -4.08
N ALA A 368 0.73 11.84 -4.69
CA ALA A 368 2.04 11.67 -5.29
C ALA A 368 2.24 12.62 -6.46
N ALA A 369 3.42 13.26 -6.49
CA ALA A 369 3.75 14.16 -7.60
C ALA A 369 4.01 13.40 -8.90
N TYR A 370 4.34 12.12 -8.82
CA TYR A 370 4.69 11.29 -9.96
C TYR A 370 4.67 9.86 -9.46
N ILE A 371 4.52 8.92 -10.39
CA ILE A 371 4.57 7.50 -10.05
C ILE A 371 5.88 6.93 -10.58
N VAL A 372 6.33 5.86 -9.93
CA VAL A 372 7.56 5.15 -10.29
C VAL A 372 7.23 3.68 -10.52
N THR A 373 7.68 3.15 -11.65
CA THR A 373 7.58 1.74 -11.93
C THR A 373 8.98 1.12 -11.96
N GLY A 374 9.06 -0.17 -11.64
CA GLY A 374 10.30 -0.91 -11.65
C GLY A 374 10.07 -2.31 -12.16
N SER A 375 9.19 -3.05 -11.49
CA SER A 375 9.10 -4.49 -11.72
C SER A 375 8.58 -4.78 -13.13
N VAL A 376 7.62 -3.97 -13.61
CA VAL A 376 7.08 -4.18 -14.96
C VAL A 376 8.08 -3.84 -16.06
N ASN A 377 9.08 -3.01 -15.77
CA ASN A 377 9.99 -2.58 -16.83
C ASN A 377 11.01 -3.64 -17.15
N GLN A 378 11.40 -4.46 -16.17
CA GLN A 378 12.31 -5.57 -16.44
C GLN A 378 11.69 -6.57 -17.40
N ALA A 379 10.36 -6.64 -17.43
CA ALA A 379 9.66 -7.57 -18.30
C ALA A 379 9.56 -7.09 -19.74
N CYS A 380 10.06 -5.89 -20.05
CA CYS A 380 9.94 -5.36 -21.41
C CYS A 380 11.21 -5.63 -22.21
N VAL A 381 11.07 -5.54 -23.55
CA VAL A 381 12.14 -6.01 -24.43
C VAL A 381 13.35 -5.09 -24.38
N GLU A 382 13.19 -3.84 -23.94
CA GLU A 382 14.32 -2.93 -23.85
C GLU A 382 15.20 -3.17 -22.62
N ALA A 383 14.71 -3.91 -21.63
CA ALA A 383 15.48 -4.11 -20.40
C ALA A 383 16.65 -5.06 -20.62
N GLY A 384 17.70 -4.88 -19.80
CA GLY A 384 18.88 -5.71 -19.88
C GLY A 384 18.76 -7.03 -19.14
N ALA A 385 17.62 -7.70 -19.33
CA ALA A 385 17.37 -9.02 -18.79
C ALA A 385 17.33 -10.03 -19.93
N SER A 386 17.71 -11.27 -19.62
CA SER A 386 17.83 -12.26 -20.68
C SER A 386 16.47 -12.65 -21.24
N GLU A 387 16.50 -13.27 -22.43
CA GLU A 387 15.29 -13.77 -23.05
C GLU A 387 14.51 -14.69 -22.12
N HIS A 388 15.23 -15.65 -21.50
CA HIS A 388 14.59 -16.56 -20.57
C HIS A 388 13.95 -15.81 -19.41
N THR A 389 14.65 -14.82 -18.86
CA THR A 389 14.16 -14.12 -17.69
C THR A 389 12.90 -13.32 -18.02
N ARG A 390 12.88 -12.61 -19.16
CA ARG A 390 11.70 -11.83 -19.49
C ARG A 390 10.51 -12.73 -19.82
N LYS A 391 10.77 -13.87 -20.47
CA LYS A 391 9.72 -14.86 -20.69
C LYS A 391 9.14 -15.33 -19.36
N LEU A 392 10.01 -15.71 -18.42
CA LEU A 392 9.56 -16.13 -17.09
C LEU A 392 8.75 -15.04 -16.40
N LEU A 393 9.22 -13.79 -16.50
CA LEU A 393 8.53 -12.68 -15.83
C LEU A 393 7.12 -12.51 -16.36
N SER A 394 6.91 -12.80 -17.66
CA SER A 394 5.56 -12.60 -18.20
C SER A 394 4.53 -13.55 -17.61
N THR A 395 4.92 -14.61 -16.90
CA THR A 395 3.96 -15.49 -16.24
C THR A 395 4.10 -15.50 -14.73
N THR A 396 4.94 -14.63 -14.16
CA THR A 396 5.08 -14.54 -12.72
C THR A 396 3.82 -13.95 -12.09
N GLU A 397 3.26 -14.65 -11.11
CA GLU A 397 2.05 -14.17 -10.44
C GLU A 397 2.44 -13.45 -9.15
N MET A 398 1.43 -12.83 -8.52
CA MET A 398 1.68 -12.04 -7.32
C MET A 398 2.25 -12.87 -6.19
N ALA A 399 1.86 -14.13 -6.10
CA ALA A 399 2.39 -14.99 -5.04
C ALA A 399 3.68 -15.69 -5.46
N ASP A 400 4.20 -15.39 -6.65
CA ASP A 400 5.41 -16.01 -7.16
C ASP A 400 6.67 -15.22 -6.83
N VAL A 401 6.62 -14.34 -5.82
CA VAL A 401 7.80 -13.63 -5.34
C VAL A 401 7.94 -13.88 -3.85
N THR A 402 9.14 -13.61 -3.34
CA THR A 402 9.47 -13.92 -1.95
C THR A 402 10.73 -13.16 -1.58
N MET A 403 11.07 -13.19 -0.30
CA MET A 403 12.22 -12.48 0.24
C MET A 403 13.40 -13.44 0.34
N ALA A 404 14.58 -12.96 -0.05
CA ALA A 404 15.82 -13.75 -0.02
C ALA A 404 16.95 -12.91 0.36
N PRO A 405 18.07 -13.45 0.90
CA PRO A 405 19.20 -12.67 1.36
C PRO A 405 19.81 -11.83 0.23
N ALA A 406 20.13 -10.58 0.57
CA ALA A 406 20.80 -9.67 -0.36
C ALA A 406 22.30 -9.87 -0.33
N ALA A 407 22.92 -9.83 -1.50
CA ALA A 407 24.37 -10.07 -1.60
C ALA A 407 25.18 -9.04 -0.80
N ASP A 408 24.87 -7.75 -0.96
CA ASP A 408 25.66 -6.68 -0.35
C ASP A 408 25.34 -6.41 1.12
N MET A 409 24.33 -7.04 1.70
CA MET A 409 24.06 -6.87 3.13
C MET A 409 23.73 -8.22 3.75
N PHE A 410 24.26 -9.29 3.15
CA PHE A 410 23.98 -10.66 3.54
C PHE A 410 24.12 -10.90 5.05
N GLU A 411 25.28 -10.55 5.61
CA GLU A 411 25.52 -10.86 7.01
C GLU A 411 24.65 -10.04 7.96
N MET A 412 24.14 -8.89 7.53
CA MET A 412 23.29 -8.12 8.43
C MET A 412 21.85 -8.62 8.43
N GLY A 413 21.56 -9.71 7.72
CA GLY A 413 20.23 -10.26 7.67
C GLY A 413 19.27 -9.57 6.73
N VAL A 414 19.76 -8.70 5.85
CA VAL A 414 18.92 -7.92 4.96
C VAL A 414 18.51 -8.76 3.76
N LYS A 415 17.29 -8.55 3.28
CA LYS A 415 16.69 -9.35 2.22
C LYS A 415 16.16 -8.44 1.12
N LEU A 416 15.93 -9.05 -0.04
CA LEU A 416 15.37 -8.39 -1.21
C LEU A 416 14.32 -9.30 -1.83
N GLN A 417 13.45 -8.72 -2.64
CA GLN A 417 12.28 -9.43 -3.17
C GLN A 417 12.56 -9.94 -4.58
N VAL A 418 12.37 -11.25 -4.78
CA VAL A 418 12.78 -11.95 -5.99
C VAL A 418 11.71 -12.94 -6.42
N VAL A 419 11.84 -13.39 -7.68
CA VAL A 419 10.97 -14.43 -8.22
C VAL A 419 11.33 -15.77 -7.56
N LYS A 420 10.32 -16.54 -7.18
CA LYS A 420 10.56 -17.86 -6.64
C LYS A 420 9.96 -19.01 -7.45
N ARG A 421 9.16 -18.73 -8.47
CA ARG A 421 8.63 -19.80 -9.33
C ARG A 421 9.41 -19.80 -10.64
N GLY A 422 9.93 -20.96 -11.00
CA GLY A 422 10.78 -21.06 -12.17
C GLY A 422 12.25 -20.89 -11.87
N THR A 423 12.61 -20.73 -10.60
CA THR A 423 14.01 -20.61 -10.22
C THR A 423 14.15 -21.05 -8.78
N LEU A 424 15.26 -21.71 -8.47
CA LEU A 424 15.55 -22.15 -7.12
C LEU A 424 16.43 -21.16 -6.37
N PHE A 425 16.74 -20.00 -6.95
CA PHE A 425 17.60 -19.04 -6.28
C PHE A 425 17.15 -18.68 -4.88
N PRO A 426 15.90 -18.27 -4.62
CA PRO A 426 15.59 -17.82 -3.24
C PRO A 426 15.73 -18.92 -2.22
N MET A 427 15.34 -20.15 -2.58
CA MET A 427 15.51 -21.28 -1.67
C MET A 427 16.98 -21.50 -1.34
N ARG A 428 17.84 -21.49 -2.37
CA ARG A 428 19.26 -21.76 -2.14
C ARG A 428 19.93 -20.63 -1.37
N ALA A 429 19.54 -19.39 -1.66
CA ALA A 429 20.10 -18.23 -0.96
C ALA A 429 19.67 -18.22 0.51
N ASN A 430 18.39 -18.52 0.78
CA ASN A 430 17.94 -18.60 2.16
C ASN A 430 18.63 -19.74 2.90
N LYS A 431 18.90 -20.85 2.22
CA LYS A 431 19.67 -21.93 2.82
C LYS A 431 21.09 -21.48 3.15
N LEU A 432 21.70 -20.69 2.28
CA LEU A 432 23.02 -20.15 2.57
C LEU A 432 22.98 -19.29 3.82
N TYR A 433 21.95 -18.44 3.97
CA TYR A 433 21.90 -17.60 5.17
C TYR A 433 21.72 -18.45 6.42
N GLU A 434 20.88 -19.49 6.35
CA GLU A 434 20.72 -20.38 7.51
C GLU A 434 22.03 -21.04 7.90
N LEU A 435 22.75 -21.58 6.91
CA LEU A 435 24.05 -22.20 7.21
C LEU A 435 25.03 -21.18 7.79
N TYR A 436 25.08 -19.98 7.21
CA TYR A 436 25.99 -18.95 7.69
C TYR A 436 25.71 -18.62 9.16
N THR A 437 24.44 -18.41 9.50
CA THR A 437 24.13 -18.02 10.88
C THR A 437 24.31 -19.18 11.85
N ARG A 438 24.07 -20.41 11.43
CA ARG A 438 24.10 -21.50 12.41
C ARG A 438 25.53 -21.92 12.73
N TYR A 439 26.42 -21.93 11.74
CA TYR A 439 27.72 -22.57 11.89
C TYR A 439 28.84 -21.54 11.97
N ASP A 440 29.94 -21.94 12.62
CA ASP A 440 31.05 -21.01 12.84
C ASP A 440 32.01 -20.96 11.66
N SER A 441 31.91 -21.91 10.73
CA SER A 441 32.88 -22.03 9.67
C SER A 441 32.32 -22.97 8.60
N ILE A 442 32.90 -22.90 7.39
CA ILE A 442 32.51 -23.86 6.37
C ILE A 442 32.86 -25.28 6.81
N GLU A 443 33.89 -25.43 7.65
CA GLU A 443 34.27 -26.75 8.13
C GLU A 443 33.25 -27.32 9.12
N ALA A 444 32.43 -26.47 9.74
CA ALA A 444 31.42 -26.94 10.68
C ALA A 444 30.12 -27.36 10.01
N ILE A 445 29.94 -27.06 8.73
CA ILE A 445 28.73 -27.46 8.02
C ILE A 445 28.70 -28.99 7.91
N PRO A 446 27.56 -29.65 8.17
CA PRO A 446 27.50 -31.10 8.00
C PRO A 446 27.90 -31.52 6.59
N ALA A 447 28.58 -32.66 6.50
CA ALA A 447 29.20 -33.07 5.25
C ALA A 447 28.17 -33.23 4.14
N ASP A 448 26.99 -33.77 4.45
CA ASP A 448 25.98 -33.96 3.42
C ASP A 448 25.50 -32.62 2.88
N GLU A 449 25.22 -31.67 3.77
CA GLU A 449 24.82 -30.33 3.36
C GLU A 449 25.88 -29.69 2.49
N ARG A 450 27.15 -29.79 2.90
CA ARG A 450 28.21 -29.13 2.15
C ARG A 450 28.39 -29.74 0.77
N GLU A 451 28.31 -31.08 0.65
CA GLU A 451 28.50 -31.68 -0.68
C GLU A 451 27.30 -31.44 -1.60
N LYS A 452 26.14 -31.18 -0.99
CA LYS A 452 24.93 -30.76 -1.75
C LYS A 452 25.23 -29.35 -2.28
N LEU A 453 25.71 -28.47 -1.40
CA LEU A 453 26.11 -27.12 -1.79
C LEU A 453 27.06 -27.16 -2.97
N GLU A 454 28.16 -27.90 -2.81
CA GLU A 454 29.24 -27.86 -3.78
C GLU A 454 28.81 -28.40 -5.14
N LYS A 455 27.99 -29.43 -5.15
CA LYS A 455 27.72 -30.10 -6.42
C LYS A 455 26.55 -29.42 -7.15
N GLN A 456 25.56 -28.91 -6.43
CA GLN A 456 24.36 -28.33 -7.04
C GLN A 456 24.32 -26.80 -7.05
N VAL A 457 24.98 -26.13 -6.11
CA VAL A 457 24.85 -24.67 -6.02
C VAL A 457 26.10 -24.03 -6.60
N PHE A 458 27.25 -24.36 -6.04
CA PHE A 458 28.49 -23.75 -6.49
C PHE A 458 29.07 -24.44 -7.70
N ARG A 459 28.76 -25.72 -7.91
CA ARG A 459 29.38 -26.54 -8.96
C ARG A 459 30.89 -26.57 -8.85
N SER A 460 31.37 -26.60 -7.61
CA SER A 460 32.79 -26.59 -7.27
C SER A 460 32.87 -26.71 -5.75
N THR A 461 34.03 -27.12 -5.26
CA THR A 461 34.23 -27.20 -3.82
C THR A 461 34.26 -25.79 -3.23
N LEU A 462 33.83 -25.69 -1.97
CA LEU A 462 33.93 -24.41 -1.27
C LEU A 462 35.38 -23.95 -1.19
N ASP A 463 36.33 -24.88 -1.09
CA ASP A 463 37.73 -24.51 -1.09
C ASP A 463 38.13 -23.85 -2.41
N ASP A 464 37.65 -24.39 -3.53
CA ASP A 464 37.98 -23.81 -4.82
C ASP A 464 37.30 -22.46 -5.01
N ILE A 465 36.08 -22.31 -4.51
CA ILE A 465 35.43 -21.01 -4.51
C ILE A 465 36.26 -20.01 -3.71
N TRP A 466 36.72 -20.42 -2.53
CA TRP A 466 37.54 -19.52 -1.71
C TRP A 466 38.83 -19.15 -2.41
N ALA A 467 39.48 -20.11 -3.08
CA ALA A 467 40.70 -19.82 -3.82
C ALA A 467 40.44 -18.79 -4.91
N GLY A 468 39.37 -18.98 -5.68
CA GLY A 468 39.01 -17.98 -6.67
C GLY A 468 38.69 -16.63 -6.06
N THR A 469 38.07 -16.63 -4.89
CA THR A 469 37.77 -15.38 -4.19
C THR A 469 39.03 -14.66 -3.76
N VAL A 470 40.00 -15.41 -3.22
CA VAL A 470 41.27 -14.82 -2.81
C VAL A 470 42.00 -14.26 -4.01
N ALA A 471 42.11 -15.03 -5.09
CA ALA A 471 42.75 -14.51 -6.30
C ALA A 471 42.06 -13.24 -6.78
N HIS A 472 40.73 -13.29 -6.90
CA HIS A 472 39.96 -12.17 -7.44
C HIS A 472 40.14 -10.90 -6.60
N PHE A 473 39.87 -11.04 -5.30
CA PHE A 473 39.96 -9.92 -4.32
C PHE A 473 41.41 -9.42 -4.21
N ASN A 474 42.34 -10.33 -3.92
CA ASN A 474 43.76 -9.97 -3.82
C ASN A 474 44.21 -9.17 -5.00
N GLU A 475 43.83 -9.60 -6.19
CA GLU A 475 44.35 -8.85 -7.30
C GLU A 475 43.48 -7.60 -7.54
N ARG A 476 42.43 -7.40 -6.73
CA ARG A 476 41.59 -6.18 -6.94
C ARG A 476 41.43 -5.29 -5.69
N ASP A 477 41.04 -5.90 -4.55
CA ASP A 477 40.65 -5.28 -3.28
C ASP A 477 41.26 -6.03 -2.10
N PRO A 478 42.62 -6.11 -2.01
CA PRO A 478 43.30 -6.95 -1.00
C PRO A 478 42.77 -6.71 0.40
N LYS A 479 42.09 -5.59 0.63
CA LYS A 479 41.52 -5.36 1.98
C LYS A 479 40.52 -6.47 2.35
N GLN A 480 39.71 -6.94 1.39
CA GLN A 480 38.63 -7.92 1.70
C GLN A 480 39.13 -9.28 2.23
N ILE A 481 40.27 -9.72 1.71
CA ILE A 481 40.90 -11.00 2.02
C ILE A 481 41.76 -10.86 3.26
N GLU A 482 42.49 -9.73 3.38
CA GLU A 482 43.18 -9.49 4.65
C GLU A 482 42.18 -9.48 5.80
N ARG A 483 41.01 -8.88 5.56
CA ARG A 483 39.99 -8.72 6.60
C ARG A 483 39.42 -10.08 7.02
N ALA A 484 39.25 -11.01 6.07
CA ALA A 484 38.76 -12.36 6.39
C ALA A 484 39.86 -13.25 6.91
N THR A 485 41.11 -12.85 6.72
CA THR A 485 42.24 -13.68 7.20
C THR A 485 42.04 -13.95 8.69
N ASP A 486 42.06 -15.24 9.08
CA ASP A 486 41.97 -15.68 10.50
C ASP A 486 40.62 -15.30 11.10
N ASN A 487 39.57 -15.53 10.32
CA ASN A 487 38.18 -15.29 10.75
C ASN A 487 37.26 -16.14 9.85
N PRO A 488 36.81 -17.30 10.33
CA PRO A 488 35.99 -18.19 9.47
C PRO A 488 34.60 -17.66 9.12
N LYS A 489 33.97 -16.85 9.97
CA LYS A 489 32.64 -16.31 9.64
C LYS A 489 32.70 -15.48 8.36
N ARG A 490 33.64 -14.51 8.32
CA ARG A 490 33.85 -13.68 7.15
C ARG A 490 34.17 -14.51 5.91
N LYS A 491 35.05 -15.50 6.06
CA LYS A 491 35.39 -16.38 4.95
C LYS A 491 34.16 -17.06 4.37
N MET A 492 33.33 -17.64 5.23
CA MET A 492 32.11 -18.31 4.78
C MET A 492 31.18 -17.32 4.10
N ALA A 493 31.01 -16.13 4.69
CA ALA A 493 30.17 -15.11 4.08
C ALA A 493 30.64 -14.76 2.68
N LEU A 494 31.95 -14.60 2.48
CA LEU A 494 32.45 -14.25 1.14
C LEU A 494 32.22 -15.39 0.15
N ILE A 495 32.42 -16.63 0.61
CA ILE A 495 32.19 -17.78 -0.27
C ILE A 495 30.74 -17.81 -0.73
N PHE A 496 29.80 -17.63 0.21
CA PHE A 496 28.38 -17.64 -0.14
C PHE A 496 27.99 -16.44 -1.01
N ARG A 497 28.64 -15.29 -0.79
CA ARG A 497 28.37 -14.12 -1.61
C ARG A 497 28.84 -14.31 -3.04
N TRP A 498 29.77 -15.23 -3.30
CA TRP A 498 30.04 -15.62 -4.70
C TRP A 498 28.74 -15.96 -5.43
N TYR A 499 27.93 -16.83 -4.85
CA TYR A 499 26.66 -17.23 -5.46
C TYR A 499 25.66 -16.09 -5.46
N LEU A 500 25.53 -15.41 -4.31
CA LEU A 500 24.60 -14.28 -4.25
C LEU A 500 24.90 -13.21 -5.29
N GLY A 501 26.17 -13.00 -5.63
CA GLY A 501 26.55 -11.98 -6.59
C GLY A 501 26.36 -12.45 -8.02
N LEU A 502 26.81 -13.66 -8.33
CA LEU A 502 26.77 -14.11 -9.71
C LEU A 502 25.37 -14.46 -10.20
N SER A 503 24.47 -14.89 -9.30
CA SER A 503 23.11 -15.28 -9.73
C SER A 503 22.37 -14.14 -10.44
N SER A 504 22.58 -12.91 -10.00
CA SER A 504 22.03 -11.75 -10.69
C SER A 504 22.59 -11.64 -12.11
N ARG A 505 23.91 -11.70 -12.25
CA ARG A 505 24.56 -11.61 -13.55
C ARG A 505 24.10 -12.71 -14.49
N TRP A 506 23.93 -13.93 -13.97
CA TRP A 506 23.48 -15.03 -14.80
C TRP A 506 22.11 -14.72 -15.37
N SER A 507 21.22 -14.16 -14.56
CA SER A 507 19.90 -13.82 -15.10
C SER A 507 20.00 -12.69 -16.13
N ASN A 508 20.85 -11.69 -15.87
CA ASN A 508 20.93 -10.56 -16.80
C ASN A 508 21.54 -10.95 -18.14
N SER A 509 22.54 -11.84 -18.14
CA SER A 509 23.23 -12.19 -19.37
C SER A 509 22.66 -13.41 -20.06
N GLY A 510 21.83 -14.19 -19.38
CA GLY A 510 21.28 -15.39 -19.99
C GLY A 510 22.22 -16.57 -19.97
N GLU A 511 23.02 -16.70 -18.92
CA GLU A 511 23.97 -17.80 -18.79
C GLU A 511 23.26 -19.14 -18.93
N THR A 512 23.63 -19.90 -19.95
CA THR A 512 22.95 -21.15 -20.26
C THR A 512 23.31 -22.22 -19.24
N GLY A 513 22.30 -22.97 -18.79
CA GLY A 513 22.51 -23.99 -17.80
C GLY A 513 22.41 -23.52 -16.37
N ARG A 514 22.29 -22.21 -16.14
CA ARG A 514 22.17 -21.66 -14.80
C ARG A 514 20.77 -21.12 -14.50
N GLU A 515 19.77 -21.47 -15.34
CA GLU A 515 18.43 -20.92 -15.19
C GLU A 515 17.85 -21.18 -13.79
N MET A 516 18.06 -22.39 -13.26
CA MET A 516 17.52 -22.66 -11.93
CA MET A 516 17.59 -22.73 -11.92
C MET A 516 18.20 -21.86 -10.83
N ASP A 517 19.22 -21.06 -11.15
CA ASP A 517 19.88 -20.21 -10.17
C ASP A 517 19.73 -18.72 -10.47
N TYR A 518 18.88 -18.34 -11.41
CA TYR A 518 18.73 -16.94 -11.75
C TYR A 518 18.12 -16.15 -10.59
N GLN A 519 18.80 -15.10 -10.16
CA GLN A 519 18.27 -14.13 -9.20
C GLN A 519 17.57 -13.01 -9.97
N ILE A 520 16.25 -12.91 -9.79
CA ILE A 520 15.40 -12.01 -10.57
C ILE A 520 14.62 -11.15 -9.59
N TRP A 521 14.90 -9.85 -9.55
CA TRP A 521 14.21 -8.96 -8.63
C TRP A 521 12.83 -8.62 -9.17
N ALA A 522 11.80 -8.77 -8.35
CA ALA A 522 10.44 -8.45 -8.76
C ALA A 522 9.55 -8.40 -7.53
N GLY A 523 8.56 -7.50 -7.58
CA GLY A 523 7.56 -7.42 -6.54
C GLY A 523 6.18 -7.80 -7.06
N PRO A 524 5.17 -7.75 -6.20
CA PRO A 524 3.80 -8.12 -6.62
C PRO A 524 3.22 -7.23 -7.70
N ALA A 525 3.77 -6.04 -7.93
CA ALA A 525 3.31 -5.22 -9.06
C ALA A 525 3.42 -5.96 -10.39
N LEU A 526 4.39 -6.85 -10.52
CA LEU A 526 4.53 -7.60 -11.77
C LEU A 526 3.38 -8.58 -11.96
N GLY A 527 3.05 -9.34 -10.93
CA GLY A 527 1.91 -10.23 -11.00
C GLY A 527 0.62 -9.47 -11.23
N ALA A 528 0.48 -8.30 -10.60
CA ALA A 528 -0.68 -7.45 -10.83
C ALA A 528 -0.79 -7.05 -12.30
N PHE A 529 0.34 -6.60 -12.88
CA PHE A 529 0.40 -6.29 -14.30
C PHE A 529 -0.04 -7.48 -15.15
N ASN A 530 0.54 -8.65 -14.88
CA ASN A 530 0.27 -9.83 -15.71
C ASN A 530 -1.20 -10.22 -15.64
N GLN A 531 -1.80 -10.12 -14.44
CA GLN A 531 -3.22 -10.41 -14.30
C GLN A 531 -4.06 -9.38 -15.04
N TRP A 532 -3.73 -8.10 -14.90
CA TRP A 532 -4.45 -7.04 -15.60
C TRP A 532 -4.35 -7.19 -17.11
N ALA A 533 -3.22 -7.69 -17.62
CA ALA A 533 -2.99 -7.77 -19.05
C ALA A 533 -3.44 -9.09 -19.66
N LYS A 534 -3.91 -10.03 -18.84
CA LYS A 534 -4.25 -11.36 -19.33
C LYS A 534 -5.27 -11.27 -20.45
N GLY A 535 -5.08 -12.10 -21.48
CA GLY A 535 -5.96 -12.11 -22.63
C GLY A 535 -5.75 -10.98 -23.63
N SER A 536 -4.71 -10.16 -23.46
CA SER A 536 -4.39 -9.10 -24.39
C SER A 536 -3.08 -9.41 -25.11
N TYR A 537 -2.69 -8.52 -26.03
CA TYR A 537 -1.41 -8.66 -26.72
C TYR A 537 -0.23 -8.66 -25.76
N LEU A 538 -0.38 -8.06 -24.58
CA LEU A 538 0.69 -8.01 -23.58
C LEU A 538 0.98 -9.37 -22.95
N ASP A 539 0.16 -10.39 -23.22
CA ASP A 539 0.49 -11.74 -22.78
C ASP A 539 1.80 -12.24 -23.38
N ASN A 540 2.15 -11.76 -24.56
CA ASN A 540 3.37 -12.16 -25.27
C ASN A 540 4.51 -11.27 -24.78
N TYR A 541 5.49 -11.85 -24.09
CA TYR A 541 6.60 -11.07 -23.56
C TYR A 541 7.34 -10.30 -24.65
N GLN A 542 7.40 -10.87 -25.86
CA GLN A 542 8.08 -10.18 -26.95
C GLN A 542 7.33 -8.94 -27.43
N GLU A 543 6.09 -8.74 -26.97
CA GLU A 543 5.29 -7.58 -27.35
C GLU A 543 5.27 -6.51 -26.27
N ARG A 544 6.10 -6.64 -25.23
CA ARG A 544 6.08 -5.72 -24.10
C ARG A 544 7.11 -4.62 -24.32
N ASN A 545 6.64 -3.39 -24.48
CA ASN A 545 7.49 -2.23 -24.69
C ASN A 545 7.29 -1.26 -23.54
N ALA A 546 8.40 -0.73 -23.02
CA ALA A 546 8.32 0.08 -21.80
C ALA A 546 7.52 1.36 -22.02
N VAL A 547 7.64 1.97 -23.20
CA VAL A 547 6.88 3.18 -23.49
C VAL A 547 5.38 2.87 -23.52
N ASP A 548 5.03 1.76 -24.18
CA ASP A 548 3.65 1.30 -24.22
C ASP A 548 3.11 1.04 -22.81
N VAL A 549 3.91 0.41 -21.96
CA VAL A 549 3.50 0.14 -20.58
C VAL A 549 3.25 1.44 -19.83
N ALA A 550 4.21 2.38 -19.92
CA ALA A 550 4.04 3.68 -19.27
C ALA A 550 2.76 4.36 -19.71
N LYS A 551 2.48 4.34 -21.02
CA LYS A 551 1.29 5.03 -21.51
C LYS A 551 0.01 4.32 -21.09
N HIS A 552 0.02 3.00 -21.04
CA HIS A 552 -1.13 2.30 -20.49
C HIS A 552 -1.39 2.71 -19.05
N LEU A 553 -0.35 2.76 -18.23
CA LEU A 553 -0.55 3.16 -16.84
C LEU A 553 -1.07 4.59 -16.74
N MET A 554 -0.51 5.51 -17.52
CA MET A 554 -0.88 6.92 -17.40
C MET A 554 -2.27 7.20 -17.98
N TYR A 555 -2.51 6.80 -19.23
CA TYR A 555 -3.83 7.00 -19.83
C TYR A 555 -4.91 6.19 -19.12
N GLY A 556 -4.58 5.00 -18.60
CA GLY A 556 -5.53 4.24 -17.83
C GLY A 556 -5.88 4.91 -16.52
N ALA A 557 -4.89 5.49 -15.84
CA ALA A 557 -5.19 6.24 -14.63
C ALA A 557 -6.06 7.45 -14.95
N ALA A 558 -5.78 8.13 -16.06
CA ALA A 558 -6.61 9.27 -16.46
C ALA A 558 -8.05 8.85 -16.75
N TYR A 559 -8.21 7.72 -17.46
CA TYR A 559 -9.54 7.19 -17.74
C TYR A 559 -10.28 6.87 -16.46
N LEU A 560 -9.60 6.17 -15.54
CA LEU A 560 -10.24 5.80 -14.28
C LEU A 560 -10.60 7.04 -13.47
N ASN A 561 -9.75 8.07 -13.52
CA ASN A 561 -10.03 9.31 -12.79
C ASN A 561 -11.31 9.97 -13.31
N ARG A 562 -11.46 10.01 -14.63
CA ARG A 562 -12.69 10.58 -15.21
C ARG A 562 -13.92 9.77 -14.80
N VAL A 563 -13.82 8.44 -14.91
CA VAL A 563 -14.94 7.58 -14.54
C VAL A 563 -15.28 7.73 -13.06
N ASN A 564 -14.25 7.89 -12.22
CA ASN A 564 -14.48 8.09 -10.79
C ASN A 564 -15.20 9.40 -10.54
N SER A 565 -14.86 10.45 -11.29
CA SER A 565 -15.58 11.71 -11.10
C SER A 565 -17.05 11.50 -11.39
N LEU A 566 -17.36 10.75 -12.44
CA LEU A 566 -18.77 10.52 -12.78
C LEU A 566 -19.47 9.68 -11.71
N THR A 567 -18.82 8.61 -11.25
CA THR A 567 -19.38 7.80 -10.17
C THR A 567 -19.58 8.61 -8.90
N SER A 568 -18.62 9.47 -8.57
CA SER A 568 -18.72 10.35 -7.43
C SER A 568 -19.95 11.24 -7.51
N GLN A 569 -20.35 11.62 -8.72
CA GLN A 569 -21.55 12.45 -8.92
C GLN A 569 -22.84 11.64 -8.88
N GLY A 570 -22.76 10.34 -8.63
CA GLY A 570 -23.94 9.52 -8.52
C GLY A 570 -24.34 8.72 -9.75
N VAL A 571 -23.62 8.79 -10.84
CA VAL A 571 -23.96 8.02 -12.03
C VAL A 571 -23.60 6.53 -11.85
N LYS A 572 -24.48 5.61 -12.30
CA LYS A 572 -24.13 4.16 -12.34
C LYS A 572 -23.86 3.72 -13.80
N LEU A 573 -22.59 3.74 -14.22
CA LEU A 573 -22.13 3.36 -15.52
C LEU A 573 -22.17 1.84 -15.66
N PRO A 574 -22.38 1.35 -16.89
CA PRO A 574 -22.21 -0.07 -17.19
C PRO A 574 -20.85 -0.56 -16.74
N THR A 575 -20.81 -1.82 -16.32
CA THR A 575 -19.57 -2.32 -15.78
C THR A 575 -18.45 -2.31 -16.83
N GLN A 576 -18.81 -2.13 -18.11
CA GLN A 576 -17.80 -2.07 -19.20
C GLN A 576 -17.12 -0.70 -19.21
N LEU A 577 -17.50 0.23 -18.31
CA LEU A 577 -16.85 1.51 -18.38
C LEU A 577 -15.99 1.74 -17.16
N LEU A 578 -16.06 0.84 -16.17
CA LEU A 578 -15.42 1.10 -14.90
C LEU A 578 -13.90 0.90 -14.94
N ARG A 579 -13.34 0.23 -15.94
CA ARG A 579 -11.90 -0.01 -15.98
C ARG A 579 -11.32 0.13 -17.38
N TRP A 580 -9.99 0.32 -17.40
CA TRP A 580 -9.18 0.44 -18.64
C TRP A 580 -8.48 -0.89 -18.92
N LYS A 581 -8.98 -1.62 -19.91
CA LYS A 581 -8.49 -2.94 -20.36
C LYS A 581 -7.52 -2.66 -21.51
N PRO A 582 -6.39 -3.37 -21.62
CA PRO A 582 -5.45 -3.11 -22.69
C PRO A 582 -5.89 -3.72 -24.04
N THR A 583 -7.01 -3.26 -24.59
CA THR A 583 -7.55 -3.80 -25.87
C THR A 583 -6.96 -3.07 -27.08
N GLN A 584 -5.95 -2.22 -26.88
CA GLN A 584 -5.36 -1.48 -27.99
C GLN A 584 -3.97 -1.02 -27.57
N ARG A 585 -3.05 -0.96 -28.52
CA ARG A 585 -1.68 -0.55 -28.22
C ARG A 585 -1.61 0.96 -28.12
N MET A 586 -0.86 1.45 -27.13
CA MET A 586 -0.62 2.88 -27.01
C MET A 586 0.65 3.33 -27.72
N ALA A 587 1.63 2.43 -27.84
CA ALA A 587 2.89 2.74 -28.48
C ALA A 587 3.59 1.45 -28.90
N LEU B 55 -11.29 25.51 -25.28
CA LEU B 55 -12.45 26.21 -24.75
C LEU B 55 -12.76 25.71 -23.35
N SER B 56 -13.02 26.64 -22.43
CA SER B 56 -13.30 26.27 -21.05
C SER B 56 -14.73 25.75 -20.92
N PRO B 57 -14.93 24.65 -20.18
CA PRO B 57 -16.27 24.06 -20.10
C PRO B 57 -17.21 24.73 -19.10
N TRP B 58 -16.77 25.77 -18.40
CA TRP B 58 -17.60 26.35 -17.35
C TRP B 58 -18.30 27.59 -17.87
N PRO B 59 -19.64 27.59 -17.92
CA PRO B 59 -20.36 28.67 -18.60
C PRO B 59 -20.82 29.76 -17.64
N TRP B 60 -20.14 29.92 -16.52
CA TRP B 60 -20.52 30.93 -15.54
C TRP B 60 -19.48 32.05 -15.48
N LEU B 61 -19.90 33.16 -14.90
CA LEU B 61 -19.00 34.21 -14.47
C LEU B 61 -19.30 34.46 -13.00
N VAL B 62 -18.32 35.02 -12.28
CA VAL B 62 -18.42 35.23 -10.85
C VAL B 62 -18.27 36.71 -10.55
N THR B 63 -19.25 37.26 -9.84
CA THR B 63 -19.16 38.65 -9.41
C THR B 63 -18.10 38.82 -8.31
N ASP B 64 -17.40 39.96 -8.36
CA ASP B 64 -16.25 40.21 -7.49
C ASP B 64 -16.58 40.12 -6.00
N THR B 65 -17.76 40.58 -5.57
CA THR B 65 -18.06 40.59 -4.14
C THR B 65 -18.26 39.19 -3.56
N ASN B 66 -18.42 38.18 -4.40
CA ASN B 66 -18.59 36.80 -3.94
C ASN B 66 -17.29 36.00 -3.93
N ILE B 67 -16.18 36.58 -4.38
CA ILE B 67 -14.89 35.90 -4.38
C ILE B 67 -14.20 36.14 -3.05
N SER B 68 -13.52 35.12 -2.54
CA SER B 68 -12.58 35.27 -1.43
C SER B 68 -11.21 34.82 -1.87
N PHE B 69 -10.19 35.61 -1.57
CA PHE B 69 -8.79 35.24 -1.73
C PHE B 69 -8.14 34.98 -0.37
N ASP B 70 -8.92 35.00 0.71
CA ASP B 70 -8.43 34.73 2.05
C ASP B 70 -8.32 33.23 2.25
N VAL B 71 -7.12 32.76 2.60
CA VAL B 71 -6.87 31.32 2.67
C VAL B 71 -7.71 30.66 3.76
N THR B 72 -7.96 31.36 4.87
CA THR B 72 -8.83 30.81 5.91
C THR B 72 -10.25 30.61 5.40
N VAL B 73 -10.81 31.64 4.75
CA VAL B 73 -12.15 31.54 4.19
C VAL B 73 -12.18 30.50 3.08
N MET B 74 -11.13 30.44 2.26
CA MET B 74 -11.10 29.44 1.20
C MET B 74 -11.12 28.03 1.77
N GLU B 75 -10.37 27.82 2.86
CA GLU B 75 -10.43 26.53 3.55
C GLU B 75 -11.84 26.24 4.03
N GLN B 76 -12.53 27.24 4.57
CA GLN B 76 -13.91 27.02 5.00
C GLN B 76 -14.83 26.67 3.84
N GLN B 77 -14.58 27.27 2.68
CA GLN B 77 -15.41 27.00 1.50
C GLN B 77 -15.17 25.59 0.99
N LEU B 78 -13.90 25.21 0.85
CA LEU B 78 -13.58 23.86 0.39
C LEU B 78 -14.10 22.81 1.36
N ARG B 79 -14.10 23.11 2.66
CA ARG B 79 -14.64 22.21 3.68
C ARG B 79 -16.16 22.13 3.66
N ASP B 80 -16.84 23.06 2.98
CA ASP B 80 -18.30 23.09 2.95
C ASP B 80 -18.79 22.23 1.80
N PHE B 81 -19.15 20.99 2.10
CA PHE B 81 -19.56 20.03 1.07
C PHE B 81 -21.01 20.21 0.63
N SER B 82 -21.77 21.09 1.28
CA SER B 82 -23.14 21.38 0.88
C SER B 82 -23.23 22.32 -0.31
N ARG B 83 -22.15 23.00 -0.65
CA ARG B 83 -22.13 23.99 -1.72
C ARG B 83 -20.98 23.71 -2.68
N GLY B 84 -21.20 24.06 -3.94
CA GLY B 84 -20.14 23.97 -4.93
C GLY B 84 -19.11 25.07 -4.76
N CYS B 85 -17.95 24.82 -5.34
CA CYS B 85 -16.86 25.79 -5.37
C CYS B 85 -16.55 26.16 -6.82
N TYR B 86 -16.52 27.46 -7.10
CA TYR B 86 -16.11 28.03 -8.37
C TYR B 86 -14.79 28.74 -8.15
N VAL B 87 -13.76 28.36 -8.90
CA VAL B 87 -12.43 28.95 -8.75
C VAL B 87 -12.19 29.86 -9.94
N VAL B 88 -11.66 31.05 -9.64
CA VAL B 88 -11.29 32.06 -10.63
C VAL B 88 -9.82 32.42 -10.44
N ASN B 89 -9.24 32.94 -11.52
CA ASN B 89 -7.88 33.48 -11.52
C ASN B 89 -7.99 35.00 -11.70
N HIS B 90 -7.69 35.73 -10.64
CA HIS B 90 -7.60 37.19 -10.67
C HIS B 90 -6.21 37.58 -11.12
N ASN B 91 -6.15 38.43 -12.17
CA ASN B 91 -4.87 38.83 -12.75
C ASN B 91 -3.86 39.32 -11.72
N GLU B 92 -4.33 39.94 -10.64
CA GLU B 92 -3.46 40.49 -9.61
C GLU B 92 -3.49 39.69 -8.32
N LYS B 93 -4.68 39.40 -7.79
CA LYS B 93 -4.78 38.73 -6.49
C LYS B 93 -4.63 37.21 -6.57
N GLY B 94 -4.59 36.63 -7.77
CA GLY B 94 -4.34 35.20 -7.86
C GLY B 94 -5.56 34.31 -7.78
N VAL B 95 -5.41 33.14 -7.15
CA VAL B 95 -6.51 32.18 -7.10
C VAL B 95 -7.53 32.62 -6.07
N GLY B 96 -8.80 32.63 -6.47
CA GLY B 96 -9.89 32.92 -5.57
C GLY B 96 -11.03 31.95 -5.73
N ILE B 97 -11.87 31.87 -4.70
CA ILE B 97 -12.97 30.91 -4.65
C ILE B 97 -14.26 31.64 -4.32
N ALA B 98 -15.35 31.23 -4.98
CA ALA B 98 -16.70 31.67 -4.71
C ALA B 98 -17.61 30.46 -4.59
N GLN B 99 -18.78 30.65 -4.00
CA GLN B 99 -19.77 29.58 -3.88
C GLN B 99 -21.04 29.83 -4.68
N THR B 100 -21.15 30.97 -5.36
CA THR B 100 -22.26 31.26 -6.25
C THR B 100 -21.71 31.85 -7.53
N ALA B 101 -22.26 31.41 -8.65
CA ALA B 101 -21.89 31.95 -9.94
C ALA B 101 -23.15 32.08 -10.77
N GLU B 102 -23.05 32.89 -11.81
CA GLU B 102 -24.17 33.10 -12.71
C GLU B 102 -23.73 32.89 -14.15
N LEU B 103 -24.67 32.43 -14.95
CA LEU B 103 -24.47 32.23 -16.38
C LEU B 103 -24.35 33.59 -17.07
N VAL B 104 -23.56 33.64 -18.15
CA VAL B 104 -23.14 34.93 -18.74
C VAL B 104 -24.31 35.83 -19.09
N ALA B 105 -25.46 35.24 -19.40
CA ALA B 105 -26.67 36.04 -19.66
C ALA B 105 -27.38 36.18 -18.30
N ASP B 106 -28.36 35.29 -18.09
CA ASP B 106 -29.21 35.13 -16.87
C ASP B 106 -29.22 36.35 -15.95
N GLN B 107 -28.20 36.54 -15.09
CA GLN B 107 -28.27 37.67 -14.12
C GLN B 107 -27.06 38.59 -14.15
N ALA B 108 -26.13 38.44 -15.10
CA ALA B 108 -24.95 39.34 -15.14
C ALA B 108 -25.01 40.38 -16.26
N ALA B 109 -24.19 41.42 -16.09
CA ALA B 109 -23.97 42.56 -17.00
C ALA B 109 -22.46 42.80 -17.01
N ASN B 110 -21.96 43.57 -17.97
CA ASN B 110 -20.52 43.78 -17.94
C ASN B 110 -20.10 44.49 -16.66
N SER B 111 -19.44 43.75 -15.79
CA SER B 111 -19.06 44.17 -14.45
C SER B 111 -17.68 43.61 -14.15
N ASN B 112 -17.24 43.75 -12.90
CA ASN B 112 -15.93 43.28 -12.46
C ASN B 112 -15.96 41.77 -12.29
N SER B 113 -16.73 41.06 -13.09
CA SER B 113 -16.91 39.62 -12.97
C SER B 113 -15.83 38.86 -13.73
N LEU B 114 -15.49 37.67 -13.21
CA LEU B 114 -14.45 36.85 -13.81
C LEU B 114 -14.99 35.49 -14.26
N PRO B 115 -14.36 34.88 -15.26
CA PRO B 115 -14.78 33.54 -15.69
C PRO B 115 -14.29 32.46 -14.74
N VAL B 116 -15.08 31.39 -14.67
CA VAL B 116 -14.77 30.26 -13.79
C VAL B 116 -13.65 29.45 -14.41
N ALA B 117 -12.50 29.41 -13.73
CA ALA B 117 -11.39 28.59 -14.19
C ALA B 117 -11.57 27.13 -13.80
N ALA B 118 -12.24 26.85 -12.68
CA ALA B 118 -12.50 25.46 -12.33
C ALA B 118 -13.73 25.38 -11.46
N PHE B 119 -14.34 24.19 -11.43
CA PHE B 119 -15.57 24.03 -10.67
C PHE B 119 -15.63 22.63 -10.09
N THR B 120 -16.15 22.55 -8.86
CA THR B 120 -16.41 21.24 -8.29
C THR B 120 -17.72 21.32 -7.50
N PRO B 121 -18.62 20.36 -7.68
CA PRO B 121 -19.97 20.48 -7.13
C PRO B 121 -20.04 20.08 -5.66
N ALA B 122 -21.22 20.23 -5.09
CA ALA B 122 -21.48 19.89 -3.70
C ALA B 122 -21.45 18.37 -3.54
N LEU B 123 -20.37 17.85 -2.97
CA LEU B 123 -20.23 16.42 -2.77
C LEU B 123 -19.48 16.18 -1.47
N GLY B 124 -20.07 15.39 -0.59
CA GLY B 124 -19.48 15.07 0.68
C GLY B 124 -19.26 13.59 0.89
N THR B 125 -19.28 13.17 2.16
CA THR B 125 -18.94 11.80 2.51
C THR B 125 -19.88 10.78 1.89
N GLU B 126 -21.13 11.17 1.64
CA GLU B 126 -22.07 10.25 1.02
C GLU B 126 -21.70 9.92 -0.42
N SER B 127 -20.82 10.70 -1.04
CA SER B 127 -20.33 10.36 -2.37
C SER B 127 -19.23 9.30 -2.32
N LEU B 128 -18.78 8.91 -1.12
CA LEU B 128 -17.73 7.92 -0.95
C LEU B 128 -18.35 6.57 -0.62
N GLY B 129 -17.88 5.52 -1.30
CA GLY B 129 -18.33 4.19 -0.99
C GLY B 129 -19.69 3.90 -1.58
N ASP B 130 -20.29 2.81 -1.11
CA ASP B 130 -21.53 2.27 -1.64
C ASP B 130 -22.69 2.70 -0.76
N SER B 131 -23.63 3.45 -1.34
CA SER B 131 -24.80 3.89 -0.58
C SER B 131 -25.61 2.70 -0.06
N ASN B 132 -25.55 1.57 -0.76
CA ASN B 132 -26.27 0.39 -0.29
C ASN B 132 -25.64 -0.20 0.97
N PHE B 133 -24.32 -0.08 1.15
CA PHE B 133 -23.74 -0.44 2.44
C PHE B 133 -24.37 0.37 3.57
N ARG B 134 -24.40 1.70 3.41
CA ARG B 134 -24.96 2.57 4.43
C ARG B 134 -26.42 2.23 4.70
N ARG B 135 -27.19 1.96 3.63
CA ARG B 135 -28.60 1.62 3.79
C ARG B 135 -28.79 0.28 4.50
N VAL B 136 -28.08 -0.76 4.06
CA VAL B 136 -28.29 -2.10 4.60
C VAL B 136 -27.84 -2.19 6.05
N HIS B 137 -26.76 -1.50 6.42
CA HIS B 137 -26.27 -1.58 7.79
C HIS B 137 -26.76 -0.44 8.68
N GLY B 138 -27.49 0.52 8.11
CA GLY B 138 -28.07 1.61 8.88
C GLY B 138 -27.05 2.54 9.49
N VAL B 139 -26.10 2.99 8.67
CA VAL B 139 -24.97 3.78 9.16
C VAL B 139 -24.88 5.04 8.33
N LYS B 140 -24.23 6.05 8.91
CA LYS B 140 -24.08 7.33 8.23
C LYS B 140 -22.89 7.36 7.28
N TYR B 141 -21.98 6.39 7.36
CA TYR B 141 -20.75 6.39 6.58
C TYR B 141 -20.43 4.98 6.09
N ALA B 142 -19.80 4.91 4.92
CA ALA B 142 -19.32 3.63 4.36
C ALA B 142 -17.96 3.33 5.00
N TYR B 143 -18.03 2.77 6.21
CA TYR B 143 -16.89 2.71 7.13
C TYR B 143 -17.24 1.70 8.22
N TYR B 144 -16.25 0.94 8.67
CA TYR B 144 -16.44 0.28 9.96
C TYR B 144 -15.09 0.08 10.64
N ALA B 145 -15.15 0.08 11.97
CA ALA B 145 -14.00 -0.23 12.81
C ALA B 145 -13.97 -1.72 13.02
N GLY B 146 -12.88 -2.37 12.60
CA GLY B 146 -12.85 -3.81 12.64
C GLY B 146 -12.65 -4.36 14.05
N ALA B 147 -12.99 -5.64 14.19
CA ALA B 147 -12.86 -6.33 15.46
C ALA B 147 -11.43 -6.23 16.00
N MET B 148 -11.31 -6.18 17.33
CA MET B 148 -10.02 -6.26 18.00
C MET B 148 -10.17 -7.22 19.17
N ALA B 149 -9.37 -8.30 19.13
CA ALA B 149 -9.60 -9.50 19.94
C ALA B 149 -9.64 -9.21 21.44
N ASN B 150 -10.25 -10.14 22.17
CA ASN B 150 -10.29 -10.13 23.63
C ASN B 150 -10.90 -8.84 24.16
N GLY B 151 -11.90 -8.34 23.46
CA GLY B 151 -12.63 -7.17 23.91
C GLY B 151 -11.91 -5.86 23.74
N ILE B 152 -10.80 -5.82 23.01
CA ILE B 152 -10.16 -4.54 22.73
C ILE B 152 -11.08 -3.63 21.92
N SER B 153 -11.77 -4.20 20.92
CA SER B 153 -12.91 -3.49 20.34
C SER B 153 -14.06 -3.69 21.32
N SER B 154 -14.09 -2.84 22.34
CA SER B 154 -14.87 -3.00 23.56
C SER B 154 -16.32 -2.59 23.36
N GLU B 155 -17.14 -2.86 24.39
CA GLU B 155 -18.53 -2.40 24.35
C GLU B 155 -18.61 -0.89 24.22
N GLU B 156 -17.77 -0.18 24.95
CA GLU B 156 -17.76 1.28 24.88
C GLU B 156 -17.38 1.75 23.47
N LEU B 157 -16.37 1.11 22.84
CA LEU B 157 -16.00 1.50 21.48
C LEU B 157 -17.16 1.28 20.52
N VAL B 158 -17.77 0.10 20.57
CA VAL B 158 -18.92 -0.21 19.74
C VAL B 158 -20.03 0.82 19.99
N ILE B 159 -20.28 1.16 21.25
CA ILE B 159 -21.41 2.01 21.57
C ILE B 159 -21.15 3.46 21.15
N ALA B 160 -19.93 3.95 21.36
CA ALA B 160 -19.62 5.31 20.92
C ALA B 160 -19.78 5.43 19.41
N LEU B 161 -19.21 4.47 18.68
CA LEU B 161 -19.28 4.53 17.22
C LEU B 161 -20.72 4.37 16.75
N GLY B 162 -21.43 3.36 17.27
CA GLY B 162 -22.80 3.13 16.84
C GLY B 162 -23.73 4.27 17.20
N GLN B 163 -23.48 4.93 18.34
CA GLN B 163 -24.25 6.12 18.68
C GLN B 163 -24.02 7.24 17.68
N ALA B 164 -22.82 7.30 17.10
CA ALA B 164 -22.60 8.29 16.05
C ALA B 164 -23.02 7.82 14.66
N GLY B 165 -23.71 6.68 14.54
CA GLY B 165 -24.07 6.16 13.23
C GLY B 165 -22.96 5.45 12.48
N ILE B 166 -21.98 4.88 13.19
CA ILE B 166 -20.79 4.29 12.58
C ILE B 166 -20.69 2.84 13.02
N LEU B 167 -20.49 1.95 12.06
CA LEU B 167 -20.45 0.52 12.37
C LEU B 167 -19.15 0.13 13.07
N CYS B 168 -19.27 -0.70 14.09
CA CYS B 168 -18.10 -1.23 14.79
C CYS B 168 -18.38 -2.68 15.16
N SER B 169 -17.31 -3.49 15.21
CA SER B 169 -17.40 -4.93 15.39
C SER B 169 -16.84 -5.27 16.77
N PHE B 170 -17.66 -5.91 17.61
CA PHE B 170 -17.21 -6.24 18.95
C PHE B 170 -16.22 -7.39 18.90
N GLY B 171 -15.13 -7.25 19.66
CA GLY B 171 -14.01 -8.18 19.56
C GLY B 171 -14.18 -9.42 20.42
N ALA B 172 -15.05 -10.33 19.99
CA ALA B 172 -15.41 -11.49 20.79
C ALA B 172 -14.34 -12.58 20.82
N ALA B 173 -13.34 -12.52 19.92
CA ALA B 173 -12.30 -13.55 19.88
C ALA B 173 -11.59 -13.66 21.22
N GLY B 174 -11.42 -14.90 21.70
CA GLY B 174 -10.75 -15.14 22.95
C GLY B 174 -11.58 -14.94 24.21
N LEU B 175 -12.83 -14.52 24.09
CA LEU B 175 -13.70 -14.31 25.25
C LEU B 175 -14.61 -15.52 25.47
N ILE B 176 -14.87 -15.81 26.74
CA ILE B 176 -15.72 -16.95 27.10
C ILE B 176 -17.18 -16.57 26.86
N PRO B 177 -18.08 -17.54 26.66
CA PRO B 177 -19.48 -17.21 26.33
C PRO B 177 -20.16 -16.26 27.30
N SER B 178 -19.96 -16.40 28.61
CA SER B 178 -20.66 -15.48 29.52
C SER B 178 -20.18 -14.05 29.33
N ARG B 179 -18.88 -13.88 29.03
CA ARG B 179 -18.36 -12.55 28.73
C ARG B 179 -18.97 -12.00 27.44
N VAL B 180 -19.13 -12.84 26.42
CA VAL B 180 -19.72 -12.36 25.18
C VAL B 180 -21.20 -12.01 25.39
N GLU B 181 -21.91 -12.79 26.21
CA GLU B 181 -23.31 -12.49 26.49
C GLU B 181 -23.42 -11.17 27.23
N LYS B 182 -22.49 -10.90 28.16
CA LYS B 182 -22.48 -9.61 28.84
C LYS B 182 -22.25 -8.49 27.84
N ALA B 183 -21.38 -8.72 26.84
CA ALA B 183 -21.17 -7.72 25.80
C ALA B 183 -22.42 -7.49 24.96
N ILE B 184 -23.11 -8.57 24.59
CA ILE B 184 -24.37 -8.44 23.87
C ILE B 184 -25.37 -7.63 24.68
N ASN B 185 -25.49 -7.96 25.97
CA ASN B 185 -26.42 -7.25 26.84
C ASN B 185 -26.14 -5.75 26.85
N ARG B 186 -24.87 -5.38 27.05
CA ARG B 186 -24.52 -3.97 27.13
C ARG B 186 -24.78 -3.25 25.81
N ILE B 187 -24.28 -3.83 24.71
CA ILE B 187 -24.39 -3.17 23.41
C ILE B 187 -25.85 -3.04 22.99
N GLN B 188 -26.66 -4.08 23.21
CA GLN B 188 -28.06 -4.00 22.83
C GLN B 188 -28.85 -3.07 23.76
N ALA B 189 -28.45 -2.96 25.02
CA ALA B 189 -29.13 -2.01 25.89
C ALA B 189 -28.85 -0.58 25.44
N ALA B 190 -27.62 -0.30 25.01
CA ALA B 190 -27.30 1.03 24.52
C ALA B 190 -27.77 1.28 23.09
N LEU B 191 -27.83 0.24 22.26
CA LEU B 191 -28.17 0.38 20.84
C LEU B 191 -29.29 -0.60 20.50
N PRO B 192 -30.51 -0.35 20.99
CA PRO B 192 -31.60 -1.32 20.76
C PRO B 192 -31.95 -1.53 19.29
N ASN B 193 -31.68 -0.55 18.43
CA ASN B 193 -31.93 -0.68 17.00
C ASN B 193 -30.64 -0.66 16.20
N GLY B 194 -29.49 -0.94 16.81
CA GLY B 194 -28.21 -0.90 16.14
C GLY B 194 -27.77 0.53 15.92
N PRO B 195 -26.70 0.73 15.13
CA PRO B 195 -25.92 -0.28 14.41
C PRO B 195 -24.76 -0.84 15.24
N TYR B 196 -24.40 -2.09 14.95
CA TYR B 196 -23.26 -2.78 15.53
C TYR B 196 -23.16 -4.14 14.85
N MET B 197 -22.02 -4.79 15.02
CA MET B 197 -21.91 -6.19 14.64
C MET B 197 -20.97 -6.89 15.62
N PHE B 198 -20.96 -8.22 15.56
CA PHE B 198 -20.11 -9.02 16.43
C PHE B 198 -19.17 -9.89 15.60
N ASN B 199 -17.96 -10.07 16.08
CA ASN B 199 -16.97 -10.88 15.38
C ASN B 199 -17.25 -12.35 15.66
N LEU B 200 -17.46 -13.12 14.58
CA LEU B 200 -17.41 -14.58 14.63
C LEU B 200 -16.09 -14.98 14.01
N ILE B 201 -15.15 -15.43 14.85
CA ILE B 201 -13.86 -15.90 14.40
C ILE B 201 -13.92 -17.41 14.22
N HIS B 202 -13.42 -17.87 13.08
CA HIS B 202 -13.44 -19.30 12.79
C HIS B 202 -12.58 -20.05 13.79
N SER B 203 -13.15 -21.11 14.36
CA SER B 203 -12.46 -21.96 15.33
C SER B 203 -12.16 -23.28 14.65
N PRO B 204 -11.04 -23.41 13.92
CA PRO B 204 -10.77 -24.68 13.22
C PRO B 204 -10.63 -25.84 14.18
N SER B 205 -9.98 -25.56 15.30
CA SER B 205 -9.76 -26.60 16.33
C SER B 205 -11.10 -27.01 16.95
N GLU B 206 -11.97 -26.04 17.23
CA GLU B 206 -13.20 -26.29 18.03
C GLU B 206 -14.52 -25.88 17.36
N PRO B 207 -15.17 -26.76 16.58
CA PRO B 207 -16.45 -26.47 15.94
C PRO B 207 -17.60 -26.12 16.89
N ALA B 208 -17.59 -26.68 18.10
CA ALA B 208 -18.62 -26.46 19.11
C ALA B 208 -18.63 -25.02 19.59
N LEU B 209 -17.45 -24.43 19.82
CA LEU B 209 -17.42 -23.03 20.27
C LEU B 209 -17.96 -22.08 19.21
N GLU B 210 -17.56 -22.26 17.94
CA GLU B 210 -18.14 -21.47 16.87
C GLU B 210 -19.66 -21.64 16.83
N ARG B 211 -20.15 -22.87 17.01
CA ARG B 211 -21.59 -23.10 17.00
C ARG B 211 -22.27 -22.42 18.18
N GLY B 212 -21.61 -22.43 19.35
CA GLY B 212 -22.17 -21.77 20.52
C GLY B 212 -22.23 -20.27 20.36
N SER B 213 -21.20 -19.67 19.77
CA SER B 213 -21.24 -18.24 19.48
C SER B 213 -22.37 -17.92 18.51
N VAL B 214 -22.56 -18.77 17.50
CA VAL B 214 -23.65 -18.55 16.55
C VAL B 214 -24.99 -18.63 17.26
N GLU B 215 -25.15 -19.61 18.13
CA GLU B 215 -26.42 -19.77 18.84
C GLU B 215 -26.66 -18.64 19.83
N LEU B 216 -25.60 -18.12 20.45
CA LEU B 216 -25.73 -16.93 21.28
C LEU B 216 -26.18 -15.74 20.46
N PHE B 217 -25.62 -15.57 19.27
CA PHE B 217 -26.04 -14.48 18.41
C PHE B 217 -27.48 -14.63 17.97
N LEU B 218 -27.90 -15.87 17.67
CA LEU B 218 -29.27 -16.11 17.21
C LEU B 218 -30.27 -15.89 18.34
N LYS B 219 -29.95 -16.41 19.54
CA LYS B 219 -30.80 -16.22 20.71
C LYS B 219 -31.10 -14.75 20.94
N HIS B 220 -30.10 -13.90 20.79
CA HIS B 220 -30.22 -12.49 21.10
C HIS B 220 -30.53 -11.62 19.89
N LYS B 221 -30.82 -12.22 18.74
CA LYS B 221 -31.11 -11.48 17.51
C LYS B 221 -29.99 -10.50 17.19
N VAL B 222 -28.74 -10.94 17.37
CA VAL B 222 -27.60 -10.22 16.80
C VAL B 222 -27.69 -10.38 15.28
N ARG B 223 -27.98 -9.28 14.58
CA ARG B 223 -28.29 -9.35 13.16
C ARG B 223 -27.10 -9.09 12.24
N THR B 224 -25.89 -8.86 12.78
CA THR B 224 -24.74 -8.61 11.91
C THR B 224 -23.49 -9.21 12.52
N VAL B 225 -22.78 -9.99 11.71
CA VAL B 225 -21.58 -10.70 12.11
C VAL B 225 -20.46 -10.36 11.15
N GLU B 226 -19.28 -10.06 11.70
CA GLU B 226 -18.05 -10.01 10.90
C GLU B 226 -17.41 -11.38 11.04
N ALA B 227 -17.41 -12.15 9.94
CA ALA B 227 -16.85 -13.50 9.96
C ALA B 227 -15.40 -13.42 9.50
N SER B 228 -14.48 -13.83 10.36
CA SER B 228 -13.08 -13.70 10.00
C SER B 228 -12.30 -14.97 10.37
N ALA B 229 -11.12 -15.09 9.75
CA ALA B 229 -10.20 -16.23 9.85
C ALA B 229 -10.75 -17.51 9.21
N PHE B 230 -11.81 -17.42 8.40
CA PHE B 230 -12.33 -18.61 7.73
C PHE B 230 -11.47 -18.99 6.53
N LEU B 231 -11.40 -20.29 6.27
CA LEU B 231 -10.75 -20.85 5.10
C LEU B 231 -11.76 -21.39 4.11
N GLY B 232 -13.04 -21.20 4.40
CA GLY B 232 -14.11 -21.69 3.57
C GLY B 232 -15.39 -21.59 4.36
N LEU B 233 -16.44 -22.22 3.85
CA LEU B 233 -17.66 -22.26 4.63
C LEU B 233 -17.56 -23.31 5.73
N THR B 234 -18.34 -23.10 6.78
CA THR B 234 -18.56 -24.07 7.85
C THR B 234 -20.06 -24.14 8.07
N PRO B 235 -20.56 -25.24 8.64
CA PRO B 235 -22.01 -25.32 8.91
C PRO B 235 -22.51 -24.21 9.83
N GLN B 236 -21.66 -23.70 10.72
CA GLN B 236 -22.08 -22.70 11.70
C GLN B 236 -22.39 -21.36 11.03
N ILE B 237 -21.50 -20.89 10.16
CA ILE B 237 -21.74 -19.61 9.49
C ILE B 237 -22.90 -19.73 8.51
N VAL B 238 -23.03 -20.90 7.86
CA VAL B 238 -24.16 -21.14 6.97
C VAL B 238 -25.47 -21.16 7.76
N TYR B 239 -25.45 -21.76 8.95
CA TYR B 239 -26.63 -21.77 9.81
C TYR B 239 -27.03 -20.35 10.18
N TYR B 240 -26.06 -19.55 10.63
CA TYR B 240 -26.35 -18.16 10.96
C TYR B 240 -26.97 -17.42 9.78
N ARG B 241 -26.42 -17.62 8.57
CA ARG B 241 -26.92 -16.89 7.41
C ARG B 241 -28.34 -17.32 7.06
N ALA B 242 -28.58 -18.63 6.99
CA ALA B 242 -29.86 -19.12 6.51
C ALA B 242 -30.97 -18.91 7.53
N ALA B 243 -30.65 -19.00 8.83
CA ALA B 243 -31.66 -18.80 9.87
C ALA B 243 -32.30 -17.43 9.82
N GLY B 244 -31.68 -16.46 9.14
CA GLY B 244 -32.24 -15.14 9.01
C GLY B 244 -32.98 -14.88 7.72
N LEU B 245 -33.29 -15.93 6.94
CA LEU B 245 -33.84 -15.78 5.60
C LEU B 245 -35.34 -16.06 5.62
N SER B 246 -36.08 -15.21 4.92
CA SER B 246 -37.51 -15.44 4.76
C SER B 246 -37.94 -14.72 3.49
N ARG B 247 -39.24 -14.75 3.21
CA ARG B 247 -39.82 -13.93 2.17
C ARG B 247 -40.94 -13.11 2.77
N ASP B 248 -41.00 -11.83 2.37
CA ASP B 248 -42.13 -11.04 2.85
C ASP B 248 -43.41 -11.38 2.11
N ALA B 249 -43.34 -12.30 1.14
CA ALA B 249 -44.50 -12.87 0.46
C ALA B 249 -45.34 -11.82 -0.26
N GLN B 250 -44.90 -10.56 -0.22
CA GLN B 250 -45.64 -9.45 -0.87
C GLN B 250 -44.65 -8.49 -1.54
N GLY B 251 -43.34 -8.75 -1.39
CA GLY B 251 -42.34 -7.86 -2.03
C GLY B 251 -41.21 -8.66 -2.63
N ASN B 252 -40.29 -9.11 -1.78
CA ASN B 252 -39.13 -9.94 -2.18
C ASN B 252 -38.45 -10.48 -0.92
N ILE B 253 -37.52 -11.42 -1.11
CA ILE B 253 -36.75 -12.03 -0.03
C ILE B 253 -36.07 -11.11 0.97
N VAL B 254 -36.09 -11.51 2.23
CA VAL B 254 -35.58 -10.74 3.36
C VAL B 254 -34.41 -11.49 3.99
N VAL B 255 -33.26 -10.82 4.06
CA VAL B 255 -32.03 -11.33 4.65
C VAL B 255 -31.84 -10.61 5.98
N ALA B 256 -32.19 -11.27 7.09
CA ALA B 256 -32.17 -10.62 8.39
C ALA B 256 -30.83 -10.76 9.13
N ASN B 257 -30.11 -11.86 8.93
CA ASN B 257 -28.81 -12.06 9.55
C ASN B 257 -27.74 -11.71 8.52
N LYS B 258 -27.11 -10.55 8.71
CA LYS B 258 -26.18 -10.00 7.74
C LYS B 258 -24.76 -10.45 8.08
N VAL B 259 -23.96 -10.67 7.03
CA VAL B 259 -22.62 -11.23 7.17
C VAL B 259 -21.63 -10.39 6.37
N ILE B 260 -20.58 -9.93 7.03
CA ILE B 260 -19.43 -9.31 6.38
C ILE B 260 -18.27 -10.28 6.55
N ALA B 261 -17.80 -10.85 5.45
CA ALA B 261 -16.72 -11.82 5.49
C ALA B 261 -15.40 -11.11 5.17
N LYS B 262 -14.46 -11.15 6.11
CA LYS B 262 -13.16 -10.51 5.95
C LYS B 262 -12.15 -11.58 5.54
N VAL B 263 -11.53 -11.37 4.38
CA VAL B 263 -10.70 -12.37 3.75
C VAL B 263 -9.49 -11.69 3.13
N SER B 264 -8.49 -12.50 2.82
CA SER B 264 -7.35 -12.04 2.05
C SER B 264 -7.11 -12.88 0.82
N ARG B 265 -7.79 -14.03 0.74
CA ARG B 265 -7.60 -15.00 -0.37
C ARG B 265 -8.82 -14.96 -1.31
N THR B 266 -8.58 -15.16 -2.61
CA THR B 266 -9.65 -15.16 -3.61
C THR B 266 -10.62 -16.32 -3.45
N GLU B 267 -10.09 -17.50 -3.10
CA GLU B 267 -10.93 -18.72 -2.98
C GLU B 267 -12.02 -18.52 -1.93
N VAL B 268 -11.61 -18.09 -0.73
CA VAL B 268 -12.50 -17.88 0.40
C VAL B 268 -13.48 -16.77 0.07
N ALA B 269 -12.95 -15.70 -0.54
CA ALA B 269 -13.82 -14.64 -1.00
C ALA B 269 -14.87 -15.19 -1.94
N GLU B 270 -14.45 -16.03 -2.89
CA GLU B 270 -15.39 -16.64 -3.82
C GLU B 270 -16.42 -17.47 -3.07
N LYS B 271 -16.00 -18.24 -2.07
CA LYS B 271 -16.95 -19.06 -1.34
C LYS B 271 -17.99 -18.20 -0.61
N PHE B 272 -17.59 -17.03 -0.10
CA PHE B 272 -18.60 -16.19 0.55
C PHE B 272 -19.39 -15.35 -0.43
N MET B 273 -18.90 -15.16 -1.66
CA MET B 273 -19.66 -14.39 -2.65
C MET B 273 -20.77 -15.22 -3.28
N MET B 274 -20.58 -16.53 -3.39
CA MET B 274 -21.52 -17.51 -3.94
C MET B 274 -22.51 -17.95 -2.87
N PRO B 275 -23.72 -18.38 -3.27
CA PRO B 275 -24.69 -18.88 -2.30
C PRO B 275 -24.15 -20.11 -1.60
N ALA B 276 -24.72 -20.35 -0.43
CA ALA B 276 -24.39 -21.53 0.34
C ALA B 276 -24.64 -22.78 -0.50
N PRO B 277 -23.74 -23.77 -0.46
CA PRO B 277 -23.91 -24.97 -1.31
C PRO B 277 -25.08 -25.83 -0.84
N ALA B 278 -25.90 -26.29 -1.80
CA ALA B 278 -27.12 -27.04 -1.50
C ALA B 278 -26.88 -28.24 -0.56
N LYS B 279 -25.76 -28.92 -0.79
CA LYS B 279 -25.34 -30.09 0.03
C LYS B 279 -25.19 -29.63 1.49
N MET B 280 -24.42 -28.55 1.72
CA MET B 280 -24.24 -28.08 3.09
C MET B 280 -25.56 -27.68 3.69
N LEU B 281 -26.45 -27.11 2.88
CA LEU B 281 -27.72 -26.67 3.44
C LEU B 281 -28.63 -27.85 3.78
N GLN B 282 -28.61 -28.85 2.90
CA GLN B 282 -29.35 -30.13 3.04
C GLN B 282 -28.88 -30.83 4.31
N LYS B 283 -27.56 -30.86 4.57
CA LYS B 283 -27.08 -31.45 5.84
C LYS B 283 -27.55 -30.51 6.95
N LEU B 284 -28.08 -31.08 8.05
CA LEU B 284 -28.68 -30.47 9.27
C LEU B 284 -30.16 -30.12 9.04
N VAL B 285 -30.65 -30.28 7.80
CA VAL B 285 -32.07 -30.02 7.47
C VAL B 285 -32.82 -31.09 8.25
N ASP B 286 -32.03 -32.06 8.75
CA ASP B 286 -32.47 -33.19 9.61
C ASP B 286 -32.32 -32.76 11.07
N GLU B 287 -31.57 -31.68 11.34
CA GLU B 287 -31.42 -31.20 12.70
C GLU B 287 -32.61 -30.35 13.16
N GLY B 288 -33.38 -29.80 12.23
CA GLY B 288 -34.39 -28.81 12.59
C GLY B 288 -33.80 -27.44 12.85
N SER B 289 -32.55 -27.23 12.44
CA SER B 289 -31.88 -25.95 12.66
C SER B 289 -32.46 -24.89 11.73
N ILE B 290 -32.59 -25.21 10.45
CA ILE B 290 -33.26 -24.33 9.50
C ILE B 290 -34.38 -25.12 8.85
N THR B 291 -35.18 -24.45 8.04
CA THR B 291 -36.37 -25.02 7.43
C THR B 291 -36.17 -25.16 5.93
N PRO B 292 -36.98 -25.98 5.25
CA PRO B 292 -36.82 -26.11 3.79
C PRO B 292 -37.05 -24.83 3.01
N GLU B 293 -37.84 -23.88 3.54
CA GLU B 293 -37.98 -22.62 2.82
C GLU B 293 -36.78 -21.74 3.06
N GLN B 294 -36.09 -21.98 4.17
CA GLN B 294 -34.84 -21.27 4.44
C GLN B 294 -33.72 -21.86 3.59
N MET B 295 -33.65 -23.20 3.52
CA MET B 295 -32.67 -23.82 2.63
C MET B 295 -32.84 -23.32 1.19
N GLU B 296 -34.08 -23.35 0.67
CA GLU B 296 -34.25 -22.97 -0.74
C GLU B 296 -33.99 -21.48 -0.94
N LEU B 297 -34.25 -20.65 0.06
CA LEU B 297 -33.92 -19.23 -0.09
C LEU B 297 -32.42 -19.00 0.00
N ALA B 298 -31.71 -19.85 0.76
CA ALA B 298 -30.27 -19.67 0.95
C ALA B 298 -29.51 -19.78 -0.36
N GLN B 299 -30.04 -20.52 -1.33
CA GLN B 299 -29.38 -20.67 -2.62
C GLN B 299 -29.67 -19.51 -3.57
N LEU B 300 -30.44 -18.50 -3.15
CA LEU B 300 -30.70 -17.35 -4.00
C LEU B 300 -29.99 -16.10 -3.52
N VAL B 301 -29.21 -16.19 -2.44
CA VAL B 301 -28.52 -15.04 -1.86
C VAL B 301 -27.07 -15.42 -1.62
N PRO B 302 -26.13 -14.47 -1.71
CA PRO B 302 -24.75 -14.80 -1.39
C PRO B 302 -24.59 -15.10 0.09
N MET B 303 -23.54 -15.87 0.40
CA MET B 303 -23.27 -16.19 1.80
C MET B 303 -22.90 -14.96 2.61
N ALA B 304 -22.47 -13.88 1.97
CA ALA B 304 -22.14 -12.65 2.66
C ALA B 304 -22.65 -11.47 1.85
N ASP B 305 -23.13 -10.44 2.55
CA ASP B 305 -23.53 -9.21 1.88
C ASP B 305 -22.33 -8.34 1.53
N ASP B 306 -21.27 -8.44 2.31
CA ASP B 306 -20.08 -7.62 2.10
C ASP B 306 -18.86 -8.48 2.28
N ILE B 307 -17.84 -8.23 1.45
CA ILE B 307 -16.55 -8.89 1.53
C ILE B 307 -15.51 -7.84 1.85
N THR B 308 -14.85 -7.98 2.98
CA THR B 308 -13.74 -7.08 3.35
C THR B 308 -12.45 -7.68 2.81
N ALA B 309 -11.84 -7.02 1.83
CA ALA B 309 -10.51 -7.42 1.37
C ALA B 309 -9.50 -6.89 2.38
N GLU B 310 -8.87 -7.79 3.13
CA GLU B 310 -7.97 -7.38 4.21
C GLU B 310 -6.54 -7.42 3.70
N ALA B 311 -5.98 -6.24 3.46
CA ALA B 311 -4.59 -6.10 3.06
C ALA B 311 -3.71 -6.16 4.31
N ASP B 312 -2.42 -5.91 4.12
CA ASP B 312 -1.43 -5.82 5.19
C ASP B 312 -1.97 -5.05 6.38
N SER B 313 -2.04 -5.70 7.55
CA SER B 313 -2.78 -5.17 8.69
C SER B 313 -2.00 -5.42 9.98
N GLY B 314 -2.40 -4.71 11.03
CA GLY B 314 -2.01 -5.14 12.36
C GLY B 314 -2.56 -6.52 12.68
N GLY B 315 -1.86 -7.21 13.58
CA GLY B 315 -2.37 -8.53 13.95
C GLY B 315 -2.12 -9.56 12.86
N HIS B 316 -3.05 -10.51 12.74
CA HIS B 316 -2.91 -11.58 11.77
C HIS B 316 -2.92 -11.00 10.35
N THR B 317 -1.93 -11.40 9.55
CA THR B 317 -1.81 -10.85 8.20
C THR B 317 -0.87 -11.71 7.38
N ASP B 318 -1.14 -11.79 6.07
CA ASP B 318 -0.18 -12.29 5.10
C ASP B 318 0.46 -11.17 4.26
N ASN B 319 0.28 -9.91 4.66
CA ASN B 319 1.03 -8.76 4.13
C ASN B 319 0.74 -8.42 2.66
N ARG B 320 -0.47 -8.68 2.19
CA ARG B 320 -0.73 -8.41 0.78
C ARG B 320 -0.86 -6.90 0.52
N PRO B 321 -0.26 -6.39 -0.56
CA PRO B 321 -0.43 -4.96 -0.88
C PRO B 321 -1.89 -4.63 -1.14
N LEU B 322 -2.37 -3.54 -0.51
CA LEU B 322 -3.73 -3.08 -0.78
C LEU B 322 -3.94 -2.81 -2.28
N VAL B 323 -2.99 -2.12 -2.92
CA VAL B 323 -3.18 -1.67 -4.29
C VAL B 323 -3.17 -2.81 -5.30
N THR B 324 -2.78 -4.01 -4.89
CA THR B 324 -2.91 -5.17 -5.75
C THR B 324 -3.98 -6.14 -5.31
N LEU B 325 -4.21 -6.27 -3.99
CA LEU B 325 -5.27 -7.13 -3.50
C LEU B 325 -6.66 -6.60 -3.87
N LEU B 326 -6.91 -5.31 -3.65
CA LEU B 326 -8.27 -4.79 -3.83
C LEU B 326 -8.76 -4.94 -5.27
N PRO B 327 -8.01 -4.58 -6.31
CA PRO B 327 -8.51 -4.83 -7.69
C PRO B 327 -8.77 -6.30 -7.96
N THR B 328 -8.01 -7.21 -7.36
CA THR B 328 -8.23 -8.64 -7.57
C THR B 328 -9.58 -9.08 -7.02
N ILE B 329 -9.88 -8.71 -5.77
CA ILE B 329 -11.16 -9.08 -5.16
C ILE B 329 -12.32 -8.37 -5.85
N LEU B 330 -12.11 -7.13 -6.32
CA LEU B 330 -13.17 -6.43 -7.05
C LEU B 330 -13.47 -7.10 -8.40
N ALA B 331 -12.44 -7.53 -9.13
CA ALA B 331 -12.66 -8.27 -10.37
C ALA B 331 -13.42 -9.56 -10.11
N LEU B 332 -13.05 -10.28 -9.05
CA LEU B 332 -13.82 -11.48 -8.69
C LEU B 332 -15.27 -11.14 -8.37
N LYS B 333 -15.49 -10.04 -7.64
CA LYS B 333 -16.85 -9.60 -7.32
C LYS B 333 -17.67 -9.36 -8.58
N GLU B 334 -17.09 -8.65 -9.55
CA GLU B 334 -17.87 -8.34 -10.75
C GLU B 334 -18.14 -9.60 -11.56
N GLU B 335 -17.20 -10.54 -11.59
CA GLU B 335 -17.47 -11.83 -12.22
C GLU B 335 -18.68 -12.50 -11.59
N ILE B 336 -18.66 -12.65 -10.26
CA ILE B 336 -19.71 -13.40 -9.57
C ILE B 336 -21.05 -12.68 -9.68
N GLN B 337 -21.04 -11.35 -9.61
CA GLN B 337 -22.28 -10.60 -9.70
C GLN B 337 -22.89 -10.65 -11.10
N THR B 338 -22.04 -10.63 -12.13
CA THR B 338 -22.53 -10.83 -13.49
C THR B 338 -23.12 -12.22 -13.66
N LYS B 339 -22.53 -13.21 -12.97
CA LYS B 339 -23.06 -14.58 -13.06
C LYS B 339 -24.42 -14.70 -12.38
N TYR B 340 -24.52 -14.28 -11.12
CA TYR B 340 -25.73 -14.57 -10.34
C TYR B 340 -26.76 -13.45 -10.38
N GLN B 341 -26.35 -12.23 -10.73
CA GLN B 341 -27.29 -11.11 -10.89
C GLN B 341 -28.17 -10.93 -9.66
N TYR B 342 -27.56 -11.00 -8.48
CA TYR B 342 -28.31 -10.78 -7.25
C TYR B 342 -29.05 -9.45 -7.32
N PRO B 343 -30.32 -9.39 -6.92
CA PRO B 343 -31.03 -8.10 -6.94
C PRO B 343 -30.34 -7.02 -6.14
N THR B 344 -29.84 -7.36 -4.94
CA THR B 344 -28.95 -6.47 -4.21
C THR B 344 -27.52 -6.95 -4.43
N PRO B 345 -26.68 -6.19 -5.13
CA PRO B 345 -25.36 -6.71 -5.51
C PRO B 345 -24.45 -6.96 -4.31
N ILE B 346 -23.59 -7.97 -4.45
CA ILE B 346 -22.51 -8.17 -3.50
C ILE B 346 -21.59 -6.97 -3.52
N ARG B 347 -21.07 -6.60 -2.36
CA ARG B 347 -20.15 -5.47 -2.25
C ARG B 347 -18.82 -5.93 -1.68
N VAL B 348 -17.76 -5.21 -2.05
CA VAL B 348 -16.42 -5.46 -1.56
C VAL B 348 -15.88 -4.16 -0.98
N GLY B 349 -15.53 -4.19 0.31
CA GLY B 349 -14.84 -3.11 0.96
C GLY B 349 -13.42 -3.54 1.32
N CYS B 350 -12.71 -2.65 2.00
CA CYS B 350 -11.29 -2.90 2.16
C CYS B 350 -10.71 -2.25 3.41
N GLY B 351 -9.85 -2.99 4.10
CA GLY B 351 -9.03 -2.42 5.16
C GLY B 351 -7.63 -2.99 5.13
N GLY B 352 -6.79 -2.46 6.02
CA GLY B 352 -5.41 -2.89 6.08
C GLY B 352 -4.49 -1.82 5.52
N GLY B 353 -3.95 -0.96 6.39
CA GLY B 353 -3.15 0.15 5.95
C GLY B 353 -3.88 1.49 5.88
N VAL B 354 -5.15 1.54 6.30
CA VAL B 354 -5.94 2.77 6.23
C VAL B 354 -5.84 3.46 7.60
N GLY B 355 -4.95 4.45 7.69
CA GLY B 355 -4.82 5.18 8.93
C GLY B 355 -4.92 6.68 8.74
N THR B 356 -5.03 7.12 7.50
CA THR B 356 -5.01 8.53 7.15
C THR B 356 -6.02 8.80 6.09
N PRO B 357 -6.53 10.04 5.94
CA PRO B 357 -7.56 10.33 4.96
C PRO B 357 -7.12 10.15 3.51
N ASP B 358 -5.85 10.38 3.18
CA ASP B 358 -5.43 10.18 1.80
C ASP B 358 -5.52 8.70 1.41
N ALA B 359 -5.09 7.82 2.30
CA ALA B 359 -5.24 6.38 2.05
C ALA B 359 -6.70 5.97 1.98
N ALA B 360 -7.54 6.57 2.85
CA ALA B 360 -8.98 6.29 2.79
C ALA B 360 -9.56 6.65 1.42
N LEU B 361 -9.21 7.85 0.93
CA LEU B 361 -9.73 8.28 -0.36
C LEU B 361 -9.24 7.37 -1.48
N ALA B 362 -7.94 7.05 -1.48
CA ALA B 362 -7.40 6.18 -2.52
C ALA B 362 -8.10 4.82 -2.51
N THR B 363 -8.38 4.29 -1.32
CA THR B 363 -9.08 3.02 -1.22
C THR B 363 -10.49 3.12 -1.79
N PHE B 364 -11.23 4.17 -1.42
CA PHE B 364 -12.56 4.36 -2.00
C PHE B 364 -12.50 4.45 -3.52
N ASN B 365 -11.54 5.21 -4.05
CA ASN B 365 -11.46 5.48 -5.48
C ASN B 365 -10.99 4.26 -6.29
N MET B 366 -10.36 3.27 -5.65
CA MET B 366 -10.12 2.01 -6.32
C MET B 366 -11.39 1.20 -6.50
N GLY B 367 -12.47 1.55 -5.81
CA GLY B 367 -13.72 0.84 -5.95
C GLY B 367 -14.25 0.22 -4.66
N ALA B 368 -13.60 0.48 -3.53
CA ALA B 368 -14.05 -0.10 -2.27
C ALA B 368 -15.42 0.44 -1.89
N ALA B 369 -16.31 -0.47 -1.48
CA ALA B 369 -17.65 -0.08 -1.04
C ALA B 369 -17.62 0.62 0.31
N TYR B 370 -16.56 0.41 1.09
CA TYR B 370 -16.41 0.92 2.44
C TYR B 370 -14.96 0.70 2.84
N ILE B 371 -14.49 1.49 3.80
CA ILE B 371 -13.14 1.30 4.33
C ILE B 371 -13.23 0.70 5.72
N VAL B 372 -12.17 -0.02 6.11
CA VAL B 372 -12.09 -0.66 7.42
C VAL B 372 -10.82 -0.17 8.11
N THR B 373 -10.96 0.28 9.35
CA THR B 373 -9.85 0.66 10.20
C THR B 373 -9.72 -0.31 11.37
N GLY B 374 -8.50 -0.43 11.88
CA GLY B 374 -8.22 -1.31 13.00
C GLY B 374 -7.21 -0.65 13.90
N SER B 375 -5.96 -0.67 13.43
CA SER B 375 -4.76 -0.15 14.14
C SER B 375 -5.04 1.18 14.85
N VAL B 376 -5.58 2.17 14.13
CA VAL B 376 -5.78 3.48 14.76
C VAL B 376 -6.81 3.44 15.87
N ASN B 377 -7.68 2.43 15.88
CA ASN B 377 -8.75 2.40 16.89
C ASN B 377 -8.27 1.88 18.24
N GLN B 378 -7.25 1.01 18.25
CA GLN B 378 -6.72 0.53 19.53
C GLN B 378 -6.12 1.67 20.33
N ALA B 379 -5.66 2.74 19.66
CA ALA B 379 -5.05 3.87 20.33
C ALA B 379 -6.04 4.87 20.94
N CYS B 380 -7.35 4.67 20.77
CA CYS B 380 -8.35 5.63 21.23
C CYS B 380 -8.84 5.27 22.62
N VAL B 381 -9.47 6.25 23.28
CA VAL B 381 -9.79 6.09 24.70
C VAL B 381 -10.92 5.10 24.92
N GLU B 382 -11.77 4.90 23.90
CA GLU B 382 -12.88 3.96 24.03
C GLU B 382 -12.44 2.53 23.87
N ALA B 383 -11.25 2.29 23.32
CA ALA B 383 -10.77 0.93 23.12
C ALA B 383 -10.44 0.29 24.47
N GLY B 384 -10.56 -1.02 24.53
CA GLY B 384 -10.27 -1.74 25.75
C GLY B 384 -8.80 -2.06 25.93
N ALA B 385 -7.94 -1.11 25.63
CA ALA B 385 -6.50 -1.30 25.82
C ALA B 385 -6.05 -0.49 27.02
N SER B 386 -4.99 -0.96 27.65
CA SER B 386 -4.57 -0.34 28.89
C SER B 386 -4.02 1.06 28.62
N GLU B 387 -3.94 1.86 29.68
CA GLU B 387 -3.32 3.17 29.58
C GLU B 387 -1.89 3.06 29.06
N HIS B 388 -1.14 2.08 29.56
CA HIS B 388 0.23 1.86 29.09
C HIS B 388 0.24 1.62 27.59
N THR B 389 -0.66 0.77 27.10
CA THR B 389 -0.68 0.44 25.69
C THR B 389 -1.10 1.63 24.85
N ARG B 390 -2.13 2.36 25.26
CA ARG B 390 -2.61 3.47 24.44
C ARG B 390 -1.59 4.61 24.39
N LYS B 391 -0.92 4.87 25.52
CA LYS B 391 0.18 5.83 25.50
C LYS B 391 1.29 5.38 24.56
N LEU B 392 1.71 4.10 24.68
CA LEU B 392 2.75 3.59 23.79
C LEU B 392 2.34 3.72 22.33
N LEU B 393 1.09 3.41 22.02
CA LEU B 393 0.60 3.47 20.64
C LEU B 393 0.59 4.88 20.08
N SER B 394 0.34 5.89 20.94
CA SER B 394 0.28 7.25 20.39
C SER B 394 1.61 7.75 19.85
N THR B 395 2.73 7.10 20.16
CA THR B 395 4.01 7.50 19.60
C THR B 395 4.63 6.42 18.71
N THR B 396 3.91 5.33 18.47
CA THR B 396 4.42 4.29 17.58
C THR B 396 4.51 4.84 16.17
N GLU B 397 5.70 4.79 15.60
CA GLU B 397 5.88 5.32 14.24
C GLU B 397 5.75 4.22 13.18
N MET B 398 5.77 4.64 11.93
CA MET B 398 5.64 3.78 10.74
C MET B 398 6.57 2.58 10.79
N ALA B 399 7.81 2.77 11.22
CA ALA B 399 8.80 1.70 11.19
C ALA B 399 8.91 1.00 12.55
N ASP B 400 8.03 1.32 13.49
CA ASP B 400 8.11 0.70 14.81
C ASP B 400 7.27 -0.56 14.92
N VAL B 401 6.93 -1.20 13.80
CA VAL B 401 6.22 -2.48 13.80
C VAL B 401 7.03 -3.49 12.99
N THR B 402 6.72 -4.76 13.20
CA THR B 402 7.48 -5.84 12.58
C THR B 402 6.65 -7.12 12.68
N MET B 403 7.13 -8.17 12.00
CA MET B 403 6.44 -9.45 11.95
C MET B 403 7.03 -10.40 12.99
N ALA B 404 6.16 -11.14 13.67
CA ALA B 404 6.53 -12.09 14.71
C ALA B 404 5.73 -13.31 14.60
N PRO B 405 6.15 -14.48 15.12
CA PRO B 405 5.40 -15.71 15.01
C PRO B 405 4.03 -15.63 15.70
N ALA B 406 3.02 -16.19 15.03
CA ALA B 406 1.70 -16.33 15.62
C ALA B 406 1.63 -17.60 16.46
N ALA B 407 0.94 -17.52 17.62
CA ALA B 407 0.80 -18.68 18.49
C ALA B 407 0.11 -19.82 17.73
N ASP B 408 -0.98 -19.49 17.03
CA ASP B 408 -1.65 -20.47 16.19
C ASP B 408 -0.91 -20.60 14.88
N MET B 409 -0.62 -21.84 14.48
CA MET B 409 0.14 -22.14 13.29
C MET B 409 1.58 -21.68 13.40
N PHE B 410 2.07 -21.59 14.63
CA PHE B 410 3.46 -21.23 14.91
C PHE B 410 4.40 -22.08 14.08
N GLU B 411 4.21 -23.39 14.13
CA GLU B 411 5.09 -24.33 13.45
C GLU B 411 4.98 -24.22 11.94
N MET B 412 3.90 -23.65 11.42
CA MET B 412 3.75 -23.43 9.99
C MET B 412 4.43 -22.16 9.49
N GLY B 413 5.13 -21.42 10.35
CA GLY B 413 5.79 -20.20 9.92
C GLY B 413 4.88 -19.01 9.76
N VAL B 414 3.65 -19.07 10.26
CA VAL B 414 2.69 -18.00 10.10
C VAL B 414 2.99 -16.89 11.10
N LYS B 415 2.78 -15.63 10.69
CA LYS B 415 3.21 -14.49 11.46
C LYS B 415 2.09 -13.47 11.61
N LEU B 416 2.29 -12.55 12.54
CA LEU B 416 1.39 -11.43 12.79
C LEU B 416 2.23 -10.17 13.01
N GLN B 417 1.60 -9.01 12.81
CA GLN B 417 2.32 -7.74 12.84
C GLN B 417 2.14 -7.08 14.21
N VAL B 418 3.25 -6.71 14.84
CA VAL B 418 3.25 -6.25 16.23
C VAL B 418 4.18 -5.05 16.39
N VAL B 419 4.00 -4.35 17.52
CA VAL B 419 4.87 -3.26 17.92
C VAL B 419 6.21 -3.81 18.39
N LYS B 420 7.30 -3.15 17.98
CA LYS B 420 8.64 -3.53 18.42
C LYS B 420 9.31 -2.45 19.24
N ARG B 421 8.70 -1.27 19.38
CA ARG B 421 9.25 -0.19 20.19
C ARG B 421 8.50 -0.15 21.51
N GLY B 422 9.24 -0.25 22.62
CA GLY B 422 8.66 -0.33 23.94
C GLY B 422 8.38 -1.73 24.44
N THR B 423 8.75 -2.76 23.68
CA THR B 423 8.57 -4.13 24.10
C THR B 423 9.56 -4.98 23.33
N LEU B 424 10.10 -6.00 24.01
CA LEU B 424 11.03 -6.94 23.39
C LEU B 424 10.34 -8.17 22.82
N PHE B 425 9.00 -8.21 22.86
CA PHE B 425 8.27 -9.39 22.41
C PHE B 425 8.67 -9.86 21.02
N PRO B 426 8.68 -9.03 19.97
CA PRO B 426 8.95 -9.60 18.63
C PRO B 426 10.34 -10.19 18.53
N MET B 427 11.33 -9.57 19.16
CA MET B 427 12.69 -10.13 19.16
C MET B 427 12.72 -11.50 19.82
N ARG B 428 12.06 -11.62 20.98
CA ARG B 428 12.10 -12.89 21.71
C ARG B 428 11.29 -13.97 21.00
N ALA B 429 10.13 -13.61 20.43
CA ALA B 429 9.31 -14.58 19.72
C ALA B 429 9.98 -15.05 18.43
N ASN B 430 10.58 -14.13 17.68
CA ASN B 430 11.31 -14.53 16.49
C ASN B 430 12.50 -15.40 16.85
N LYS B 431 13.15 -15.14 17.99
CA LYS B 431 14.21 -16.04 18.44
C LYS B 431 13.64 -17.44 18.74
N LEU B 432 12.45 -17.50 19.34
CA LEU B 432 11.82 -18.79 19.59
C LEU B 432 11.57 -19.54 18.28
N TYR B 433 11.07 -18.84 17.26
CA TYR B 433 10.85 -19.52 15.99
C TYR B 433 12.16 -20.02 15.38
N GLU B 434 13.21 -19.19 15.45
CA GLU B 434 14.52 -19.59 14.90
C GLU B 434 15.04 -20.84 15.61
N LEU B 435 15.00 -20.86 16.93
CA LEU B 435 15.43 -22.04 17.68
C LEU B 435 14.57 -23.26 17.38
N TYR B 436 13.24 -23.07 17.30
CA TYR B 436 12.35 -24.20 17.01
C TYR B 436 12.71 -24.85 15.68
N THR B 437 12.90 -24.02 14.63
CA THR B 437 13.18 -24.59 13.33
C THR B 437 14.58 -25.17 13.24
N ARG B 438 15.53 -24.63 14.01
CA ARG B 438 16.91 -25.09 13.88
C ARG B 438 17.14 -26.44 14.55
N TYR B 439 16.54 -26.67 15.72
CA TYR B 439 16.86 -27.80 16.58
C TYR B 439 15.72 -28.82 16.60
N ASP B 440 16.07 -30.07 16.92
CA ASP B 440 15.09 -31.14 16.94
C ASP B 440 14.39 -31.32 18.30
N SER B 441 14.87 -30.66 19.34
CA SER B 441 14.34 -30.84 20.69
C SER B 441 14.87 -29.69 21.55
N ILE B 442 14.20 -29.45 22.67
CA ILE B 442 14.71 -28.45 23.62
C ILE B 442 16.06 -28.86 24.17
N GLU B 443 16.32 -30.18 24.27
CA GLU B 443 17.60 -30.65 24.77
C GLU B 443 18.73 -30.39 23.78
N ALA B 444 18.40 -30.11 22.52
CA ALA B 444 19.41 -29.77 21.53
C ALA B 444 19.82 -28.31 21.54
N ILE B 445 19.09 -27.45 22.23
CA ILE B 445 19.50 -26.04 22.32
C ILE B 445 20.79 -25.93 23.14
N PRO B 446 21.79 -25.17 22.68
CA PRO B 446 22.99 -24.96 23.49
C PRO B 446 22.67 -24.41 24.87
N ALA B 447 23.47 -24.85 25.86
CA ALA B 447 23.14 -24.58 27.26
C ALA B 447 23.09 -23.10 27.56
N ASP B 448 24.00 -22.31 26.99
CA ASP B 448 24.01 -20.88 27.27
C ASP B 448 22.78 -20.19 26.71
N GLU B 449 22.44 -20.50 25.45
CA GLU B 449 21.23 -19.96 24.83
C GLU B 449 19.98 -20.37 25.61
N ARG B 450 19.92 -21.64 26.02
CA ARG B 450 18.75 -22.13 26.76
C ARG B 450 18.62 -21.43 28.10
N GLU B 451 19.75 -21.19 28.78
CA GLU B 451 19.68 -20.54 30.09
C GLU B 451 19.32 -19.07 29.95
N LYS B 452 19.75 -18.43 28.85
CA LYS B 452 19.29 -17.08 28.58
C LYS B 452 17.79 -17.03 28.35
N LEU B 453 17.28 -17.92 27.49
CA LEU B 453 15.83 -18.07 27.33
C LEU B 453 15.13 -18.21 28.68
N GLU B 454 15.57 -19.18 29.48
CA GLU B 454 14.89 -19.50 30.72
C GLU B 454 14.89 -18.32 31.68
N LYS B 455 15.96 -17.53 31.69
CA LYS B 455 16.04 -16.42 32.65
C LYS B 455 15.33 -15.17 32.13
N GLN B 456 15.41 -14.90 30.84
CA GLN B 456 14.93 -13.64 30.28
C GLN B 456 13.56 -13.74 29.64
N VAL B 457 13.17 -14.91 29.12
CA VAL B 457 11.92 -15.02 28.38
C VAL B 457 10.87 -15.71 29.24
N PHE B 458 11.16 -16.95 29.64
CA PHE B 458 10.19 -17.74 30.39
C PHE B 458 10.21 -17.43 31.88
N ARG B 459 11.34 -16.97 32.41
CA ARG B 459 11.54 -16.80 33.85
C ARG B 459 11.27 -18.11 34.58
N SER B 460 11.70 -19.21 33.96
CA SER B 460 11.44 -20.55 34.45
C SER B 460 12.21 -21.53 33.56
N THR B 461 12.54 -22.71 34.05
CA THR B 461 13.19 -23.67 33.18
C THR B 461 12.18 -24.19 32.16
N LEU B 462 12.67 -24.58 30.99
CA LEU B 462 11.78 -25.17 30.00
C LEU B 462 11.11 -26.43 30.54
N ASP B 463 11.78 -27.17 31.43
CA ASP B 463 11.15 -28.34 32.03
C ASP B 463 9.94 -27.95 32.87
N ASP B 464 10.04 -26.88 33.66
CA ASP B 464 8.90 -26.46 34.47
C ASP B 464 7.78 -25.91 33.59
N ILE B 465 8.14 -25.19 32.52
CA ILE B 465 7.14 -24.78 31.55
C ILE B 465 6.42 -25.99 30.99
N TRP B 466 7.17 -27.04 30.66
CA TRP B 466 6.57 -28.24 30.10
C TRP B 466 5.63 -28.90 31.10
N ALA B 467 6.02 -28.97 32.38
CA ALA B 467 5.16 -29.57 33.40
C ALA B 467 3.84 -28.81 33.50
N GLY B 468 3.91 -27.48 33.59
CA GLY B 468 2.69 -26.69 33.61
C GLY B 468 1.86 -26.86 32.34
N THR B 469 2.54 -27.02 31.21
CA THR B 469 1.86 -27.22 29.93
C THR B 469 1.09 -28.53 29.91
N VAL B 470 1.71 -29.59 30.45
CA VAL B 470 1.02 -30.89 30.53
C VAL B 470 -0.22 -30.78 31.39
N ALA B 471 -0.09 -30.20 32.59
CA ALA B 471 -1.27 -29.99 33.43
C ALA B 471 -2.37 -29.22 32.68
N HIS B 472 -1.98 -28.13 32.03
CA HIS B 472 -2.94 -27.25 31.36
C HIS B 472 -3.71 -27.99 30.27
N PHE B 473 -2.99 -28.72 29.40
CA PHE B 473 -3.67 -29.34 28.29
C PHE B 473 -4.36 -30.64 28.69
N ASN B 474 -3.88 -31.32 29.73
CA ASN B 474 -4.65 -32.40 30.30
C ASN B 474 -6.02 -31.89 30.71
N GLU B 475 -6.09 -30.67 31.26
CA GLU B 475 -7.40 -30.17 31.63
C GLU B 475 -8.20 -29.68 30.44
N ARG B 476 -7.55 -29.19 29.39
CA ARG B 476 -8.29 -28.53 28.31
C ARG B 476 -8.28 -29.25 26.97
N ASP B 477 -7.20 -29.92 26.57
CA ASP B 477 -7.15 -30.60 25.27
C ASP B 477 -6.10 -31.71 25.26
N PRO B 478 -6.33 -32.83 25.97
CA PRO B 478 -5.26 -33.80 26.20
C PRO B 478 -4.62 -34.38 24.94
N LYS B 479 -5.31 -34.38 23.80
CA LYS B 479 -4.72 -34.93 22.58
C LYS B 479 -3.41 -34.23 22.27
N GLN B 480 -3.29 -32.94 22.63
CA GLN B 480 -2.11 -32.19 22.28
C GLN B 480 -0.89 -32.73 22.99
N ILE B 481 -1.06 -33.25 24.21
CA ILE B 481 0.07 -33.90 24.87
C ILE B 481 0.31 -35.28 24.28
N GLU B 482 -0.78 -36.02 23.99
CA GLU B 482 -0.63 -37.35 23.41
C GLU B 482 0.17 -37.32 22.12
N ARG B 483 -0.12 -36.35 21.26
CA ARG B 483 0.57 -36.26 19.98
C ARG B 483 2.06 -35.97 20.15
N ALA B 484 2.45 -35.33 21.24
CA ALA B 484 3.84 -35.02 21.51
C ALA B 484 4.64 -36.20 22.05
N THR B 485 3.99 -37.33 22.39
CA THR B 485 4.66 -38.43 23.06
C THR B 485 5.93 -38.86 22.34
N ASP B 486 5.84 -39.21 21.06
CA ASP B 486 6.99 -39.64 20.27
C ASP B 486 7.55 -38.53 19.39
N ASN B 487 7.39 -37.26 19.77
CA ASN B 487 7.84 -36.15 18.93
C ASN B 487 8.36 -35.00 19.78
N PRO B 488 9.68 -34.95 20.01
CA PRO B 488 10.25 -33.85 20.81
C PRO B 488 10.12 -32.48 20.15
N LYS B 489 10.03 -32.45 18.82
CA LYS B 489 9.80 -31.20 18.11
C LYS B 489 8.49 -30.57 18.56
N ARG B 490 7.42 -31.36 18.56
CA ARG B 490 6.12 -30.91 19.06
C ARG B 490 6.19 -30.42 20.50
N LYS B 491 6.89 -31.15 21.36
CA LYS B 491 7.05 -30.72 22.75
C LYS B 491 7.65 -29.32 22.82
N MET B 492 8.72 -29.09 22.05
CA MET B 492 9.36 -27.79 22.04
C MET B 492 8.40 -26.71 21.54
N ALA B 493 7.66 -27.01 20.47
CA ALA B 493 6.67 -26.04 19.96
C ALA B 493 5.65 -25.68 21.03
N LEU B 494 5.16 -26.65 21.80
CA LEU B 494 4.17 -26.36 22.83
C LEU B 494 4.78 -25.47 23.92
N ILE B 495 6.03 -25.76 24.29
CA ILE B 495 6.71 -24.95 25.30
C ILE B 495 6.84 -23.50 24.83
N PHE B 496 7.26 -23.30 23.57
CA PHE B 496 7.42 -21.94 23.05
C PHE B 496 6.07 -21.23 22.90
N ARG B 497 5.01 -21.98 22.58
CA ARG B 497 3.69 -21.38 22.48
C ARG B 497 3.17 -20.91 23.83
N TRP B 498 3.70 -21.46 24.94
CA TRP B 498 3.41 -20.84 26.24
C TRP B 498 3.66 -19.34 26.21
N TYR B 499 4.86 -18.95 25.76
CA TYR B 499 5.23 -17.54 25.72
C TYR B 499 4.38 -16.80 24.69
N LEU B 500 4.20 -17.39 23.51
CA LEU B 500 3.39 -16.71 22.50
C LEU B 500 1.97 -16.40 22.98
N GLY B 501 1.37 -17.25 23.81
CA GLY B 501 0.02 -16.99 24.31
C GLY B 501 0.00 -15.99 25.46
N LEU B 502 0.91 -16.23 26.41
CA LEU B 502 0.87 -15.41 27.61
C LEU B 502 1.28 -13.97 27.33
N SER B 503 2.13 -13.73 26.32
CA SER B 503 2.49 -12.34 26.02
C SER B 503 1.25 -11.51 25.67
N SER B 504 0.33 -12.10 24.92
CA SER B 504 -0.94 -11.45 24.63
C SER B 504 -1.73 -11.22 25.91
N ARG B 505 -1.87 -12.27 26.73
CA ARG B 505 -2.64 -12.09 27.97
C ARG B 505 -2.05 -10.98 28.85
N TRP B 506 -0.71 -10.95 28.98
CA TRP B 506 -0.06 -9.95 29.82
C TRP B 506 -0.33 -8.53 29.32
N SER B 507 -0.25 -8.33 28.01
CA SER B 507 -0.49 -6.98 27.50
C SER B 507 -1.95 -6.58 27.65
N ASN B 508 -2.88 -7.52 27.41
CA ASN B 508 -4.30 -7.17 27.50
C ASN B 508 -4.71 -6.87 28.94
N SER B 509 -4.14 -7.57 29.91
CA SER B 509 -4.52 -7.39 31.31
C SER B 509 -3.65 -6.38 32.04
N GLY B 510 -2.51 -5.99 31.47
CA GLY B 510 -1.63 -5.04 32.13
C GLY B 510 -0.75 -5.65 33.20
N GLU B 511 -0.30 -6.89 32.99
CA GLU B 511 0.53 -7.60 33.97
C GLU B 511 1.78 -6.81 34.33
N THR B 512 1.92 -6.47 35.60
CA THR B 512 3.03 -5.64 36.04
C THR B 512 4.33 -6.44 36.04
N GLY B 513 5.39 -5.82 35.55
CA GLY B 513 6.69 -6.46 35.45
C GLY B 513 6.93 -7.25 34.18
N ARG B 514 5.90 -7.42 33.34
CA ARG B 514 6.04 -8.12 32.07
C ARG B 514 5.92 -7.19 30.87
N GLU B 515 6.02 -5.87 31.10
CA GLU B 515 5.82 -4.90 30.02
C GLU B 515 6.73 -5.18 28.83
N MET B 516 7.97 -5.62 29.08
CA MET B 516 8.92 -5.88 28.00
C MET B 516 8.57 -7.13 27.18
N ASP B 517 7.51 -7.85 27.57
CA ASP B 517 7.07 -9.02 26.83
C ASP B 517 5.66 -8.85 26.27
N TYR B 518 5.11 -7.63 26.30
CA TYR B 518 3.77 -7.40 25.79
C TYR B 518 3.73 -7.65 24.29
N GLN B 519 2.80 -8.51 23.85
CA GLN B 519 2.48 -8.68 22.44
C GLN B 519 1.36 -7.71 22.08
N ILE B 520 1.67 -6.72 21.25
CA ILE B 520 0.74 -5.65 20.92
C ILE B 520 0.60 -5.63 19.40
N TRP B 521 -0.60 -5.97 18.91
CA TRP B 521 -0.86 -6.05 17.48
C TRP B 521 -1.08 -4.63 16.93
N ALA B 522 -0.37 -4.29 15.85
CA ALA B 522 -0.51 -3.00 15.19
C ALA B 522 0.23 -3.05 13.84
N GLY B 523 -0.29 -2.30 12.87
CA GLY B 523 0.38 -2.17 11.60
C GLY B 523 0.86 -0.75 11.38
N PRO B 524 1.53 -0.52 10.25
CA PRO B 524 2.05 0.84 9.95
C PRO B 524 0.97 1.90 9.74
N ALA B 525 -0.29 1.53 9.56
CA ALA B 525 -1.35 2.54 9.51
C ALA B 525 -1.36 3.41 10.76
N LEU B 526 -0.98 2.84 11.91
CA LEU B 526 -0.89 3.62 13.12
C LEU B 526 0.22 4.66 13.02
N GLY B 527 1.38 4.25 12.50
CA GLY B 527 2.46 5.20 12.30
C GLY B 527 2.10 6.29 11.31
N ALA B 528 1.38 5.95 10.25
CA ALA B 528 0.93 6.94 9.29
C ALA B 528 0.01 7.96 9.97
N PHE B 529 -0.97 7.46 10.74
CA PHE B 529 -1.83 8.34 11.53
C PHE B 529 -1.00 9.27 12.42
N ASN B 530 -0.07 8.69 13.18
CA ASN B 530 0.70 9.48 14.14
C ASN B 530 1.53 10.56 13.44
N GLN B 531 2.11 10.26 12.29
CA GLN B 531 2.82 11.29 11.55
C GLN B 531 1.86 12.35 11.03
N TRP B 532 0.72 11.93 10.48
CA TRP B 532 -0.27 12.87 9.97
C TRP B 532 -0.81 13.77 11.08
N ALA B 533 -0.93 13.24 12.30
CA ALA B 533 -1.47 13.98 13.43
C ALA B 533 -0.40 14.73 14.22
N LYS B 534 0.87 14.60 13.84
CA LYS B 534 1.97 15.20 14.60
C LYS B 534 1.76 16.70 14.79
N GLY B 535 2.01 17.18 16.00
CA GLY B 535 1.83 18.58 16.32
C GLY B 535 0.40 19.03 16.49
N SER B 536 -0.57 18.12 16.51
CA SER B 536 -1.97 18.47 16.67
C SER B 536 -2.45 18.04 18.05
N TYR B 537 -3.72 18.33 18.33
CA TYR B 537 -4.34 17.88 19.58
C TYR B 537 -4.32 16.36 19.72
N LEU B 538 -4.27 15.64 18.60
CA LEU B 538 -4.24 14.18 18.63
C LEU B 538 -2.91 13.62 19.13
N ASP B 539 -1.89 14.46 19.32
CA ASP B 539 -0.64 13.99 19.92
C ASP B 539 -0.88 13.43 21.32
N ASN B 540 -1.89 13.92 22.03
CA ASN B 540 -2.23 13.45 23.37
C ASN B 540 -3.15 12.25 23.26
N TYR B 541 -2.67 11.07 23.69
CA TYR B 541 -3.46 9.84 23.62
C TYR B 541 -4.78 9.97 24.35
N GLN B 542 -4.83 10.85 25.37
CA GLN B 542 -6.04 11.04 26.21
C GLN B 542 -7.14 11.76 25.44
N GLU B 543 -6.77 12.39 24.31
CA GLU B 543 -7.73 13.10 23.47
C GLU B 543 -8.11 12.36 22.20
N ARG B 544 -7.78 11.07 22.08
CA ARG B 544 -8.06 10.32 20.86
C ARG B 544 -9.40 9.59 21.03
N ASN B 545 -10.37 9.98 20.21
CA ASN B 545 -11.71 9.40 20.23
C ASN B 545 -12.01 8.76 18.89
N ALA B 546 -12.59 7.56 18.94
CA ALA B 546 -12.77 6.78 17.71
C ALA B 546 -13.70 7.46 16.72
N VAL B 547 -14.76 8.11 17.20
CA VAL B 547 -15.67 8.80 16.28
C VAL B 547 -14.93 9.95 15.60
N ASP B 548 -14.13 10.69 16.37
CA ASP B 548 -13.32 11.77 15.82
C ASP B 548 -12.37 11.24 14.74
N VAL B 549 -11.72 10.10 15.00
CA VAL B 549 -10.82 9.52 14.00
C VAL B 549 -11.58 9.15 12.74
N ALA B 550 -12.72 8.47 12.90
CA ALA B 550 -13.53 8.08 11.75
C ALA B 550 -13.92 9.29 10.92
N LYS B 551 -14.33 10.37 11.59
CA LYS B 551 -14.80 11.53 10.84
C LYS B 551 -13.63 12.24 10.18
N HIS B 552 -12.46 12.26 10.81
CA HIS B 552 -11.29 12.77 10.10
C HIS B 552 -11.03 11.97 8.84
N LEU B 553 -11.11 10.65 8.91
CA LEU B 553 -10.87 9.85 7.71
C LEU B 553 -11.93 10.12 6.63
N MET B 554 -13.20 10.17 7.01
CA MET B 554 -14.27 10.30 6.01
C MET B 554 -14.30 11.71 5.41
N TYR B 555 -14.38 12.74 6.26
CA TYR B 555 -14.42 14.10 5.77
C TYR B 555 -13.10 14.50 5.11
N GLY B 556 -11.97 13.98 5.59
CA GLY B 556 -10.71 14.24 4.93
C GLY B 556 -10.66 13.62 3.54
N ALA B 557 -11.21 12.40 3.39
CA ALA B 557 -11.24 11.79 2.07
C ALA B 557 -12.14 12.59 1.13
N ALA B 558 -13.29 13.06 1.60
CA ALA B 558 -14.15 13.89 0.75
C ALA B 558 -13.46 15.19 0.36
N TYR B 559 -12.81 15.83 1.33
CA TYR B 559 -12.06 17.06 1.07
C TYR B 559 -10.97 16.83 0.03
N LEU B 560 -10.20 15.76 0.18
CA LEU B 560 -9.13 15.48 -0.77
C LEU B 560 -9.69 15.16 -2.15
N ASN B 561 -10.84 14.47 -2.21
CA ASN B 561 -11.44 14.19 -3.51
C ASN B 561 -11.79 15.50 -4.23
N ARG B 562 -12.35 16.46 -3.49
CA ARG B 562 -12.67 17.76 -4.07
C ARG B 562 -11.40 18.51 -4.50
N VAL B 563 -10.39 18.55 -3.64
CA VAL B 563 -9.16 19.25 -3.97
C VAL B 563 -8.45 18.60 -5.14
N ASN B 564 -8.51 17.26 -5.23
CA ASN B 564 -7.91 16.56 -6.36
C ASN B 564 -8.61 16.95 -7.64
N SER B 565 -9.94 17.04 -7.62
CA SER B 565 -10.66 17.47 -8.82
C SER B 565 -10.22 18.86 -9.25
N LEU B 566 -10.08 19.79 -8.30
CA LEU B 566 -9.69 21.14 -8.67
C LEU B 566 -8.25 21.20 -9.20
N THR B 567 -7.33 20.50 -8.54
CA THR B 567 -5.95 20.44 -9.00
C THR B 567 -5.84 19.81 -10.39
N SER B 568 -6.59 18.74 -10.65
CA SER B 568 -6.58 18.14 -11.97
C SER B 568 -7.00 19.13 -13.04
N GLN B 569 -7.90 20.06 -12.72
CA GLN B 569 -8.38 21.06 -13.66
C GLN B 569 -7.39 22.21 -13.89
N GLY B 570 -6.23 22.19 -13.25
CA GLY B 570 -5.20 23.19 -13.48
C GLY B 570 -5.14 24.31 -12.46
N VAL B 571 -6.01 24.30 -11.45
CA VAL B 571 -5.94 25.29 -10.39
C VAL B 571 -4.72 24.99 -9.52
N LYS B 572 -4.00 26.04 -9.14
CA LYS B 572 -2.91 25.87 -8.18
C LYS B 572 -3.37 26.56 -6.89
N LEU B 573 -3.91 25.75 -5.99
CA LEU B 573 -4.43 26.24 -4.72
C LEU B 573 -3.29 26.58 -3.79
N PRO B 574 -3.51 27.50 -2.84
CA PRO B 574 -2.50 27.71 -1.80
C PRO B 574 -2.15 26.38 -1.16
N THR B 575 -0.85 26.19 -0.88
CA THR B 575 -0.35 24.87 -0.50
C THR B 575 -0.93 24.39 0.82
N GLN B 576 -1.32 25.31 1.71
CA GLN B 576 -1.93 24.92 2.97
C GLN B 576 -3.28 24.25 2.78
N LEU B 577 -3.91 24.45 1.63
CA LEU B 577 -5.24 23.91 1.38
C LEU B 577 -5.21 22.55 0.69
N LEU B 578 -4.05 22.08 0.28
CA LEU B 578 -4.00 20.89 -0.57
C LEU B 578 -4.26 19.59 0.18
N ARG B 579 -4.15 19.61 1.51
CA ARG B 579 -4.30 18.39 2.30
C ARG B 579 -5.24 18.65 3.48
N TRP B 580 -5.82 17.58 4.00
CA TRP B 580 -6.65 17.61 5.19
C TRP B 580 -5.78 17.27 6.39
N LYS B 581 -5.48 18.28 7.22
CA LYS B 581 -4.71 18.24 8.45
C LYS B 581 -5.65 18.35 9.66
N PRO B 582 -5.34 17.63 10.76
CA PRO B 582 -6.24 17.68 11.93
C PRO B 582 -6.09 18.98 12.73
N THR B 583 -6.56 20.06 12.11
CA THR B 583 -6.51 21.42 12.65
C THR B 583 -7.76 21.79 13.45
N GLN B 584 -8.67 20.83 13.62
CA GLN B 584 -10.03 20.98 14.15
C GLN B 584 -10.50 19.65 14.70
N ARG B 585 -11.23 19.68 15.80
CA ARG B 585 -11.85 18.46 16.26
C ARG B 585 -13.14 18.25 15.48
N MET B 586 -13.37 17.01 15.03
CA MET B 586 -14.59 16.68 14.31
C MET B 586 -15.69 16.16 15.22
N ALA B 587 -15.35 15.57 16.36
CA ALA B 587 -16.36 15.03 17.28
C ALA B 587 -15.81 14.91 18.70
N1 FMN C . 16.47 0.80 -7.42
C2 FMN C . 17.68 1.44 -7.21
O2 FMN C . 17.72 2.50 -6.60
N3 FMN C . 18.86 0.91 -7.72
C4 FMN C . 18.82 -0.28 -8.42
O4 FMN C . 19.86 -0.75 -8.87
C4A FMN C . 17.61 -0.92 -8.62
N5 FMN C . 17.58 -2.10 -9.33
C5A FMN C . 16.37 -2.74 -9.53
C6 FMN C . 16.35 -3.92 -10.28
C7 FMN C . 15.14 -4.57 -10.51
C7M FMN C . 15.16 -5.84 -11.29
C8 FMN C . 13.96 -4.05 -9.99
C8M FMN C . 12.65 -4.74 -10.23
C9 FMN C . 13.98 -2.85 -9.25
C9A FMN C . 15.18 -2.20 -9.03
N10 FMN C . 15.21 -1.01 -8.31
C10 FMN C . 16.43 -0.38 -8.11
C1' FMN C . 13.95 -0.41 -7.75
C2' FMN C . 13.17 0.29 -8.85
O2' FMN C . 13.93 1.34 -9.36
C3' FMN C . 11.83 0.82 -8.34
O3' FMN C . 12.03 1.83 -7.36
C4' FMN C . 10.94 -0.28 -7.79
O4' FMN C . 11.16 -1.48 -8.50
C5' FMN C . 9.47 0.13 -7.92
O5' FMN C . 8.67 -0.81 -7.24
P FMN C . 8.01 -2.03 -8.06
O1P FMN C . 6.86 -2.58 -7.26
O2P FMN C . 7.57 -1.55 -9.40
O3P FMN C . 9.09 -3.08 -8.22
CA CA D . 14.74 -1.23 -4.56
C1 GOL E . -5.99 13.52 -8.24
O1 GOL E . -5.93 12.13 -8.44
C2 GOL E . -4.90 14.23 -9.01
O2 GOL E . -4.85 15.60 -8.62
C3 GOL E . -3.56 13.57 -8.81
O3 GOL E . -2.59 14.10 -9.70
N1 FMN F . -9.73 -8.88 13.10
C2 FMN F . -10.60 -9.93 13.37
O2 FMN F . -11.31 -10.39 12.47
N3 FMN F . -10.68 -10.48 14.64
C4 FMN F . -9.91 -9.98 15.66
O4 FMN F . -9.99 -10.47 16.77
C4A FMN F . -9.03 -8.92 15.40
N5 FMN F . -8.25 -8.42 16.41
C5A FMN F . -7.41 -7.35 16.17
C6 FMN F . -6.65 -6.83 17.21
C7 FMN F . -5.80 -5.77 16.98
C7M FMN F . -4.97 -5.24 18.12
C8 FMN F . -5.72 -5.21 15.70
C8M FMN F . -4.78 -4.06 15.44
C9 FMN F . -6.48 -5.73 14.64
C9A FMN F . -7.33 -6.80 14.89
N10 FMN F . -8.11 -7.32 13.87
C10 FMN F . -8.95 -8.38 14.12
C1' FMN F . -8.04 -6.74 12.48
C2' FMN F . -8.87 -5.48 12.38
O2' FMN F . -10.22 -5.84 12.59
C3' FMN F . -8.68 -4.87 10.98
O3' FMN F . -9.08 -5.79 9.99
C4' FMN F . -7.22 -4.49 10.71
O4' FMN F . -6.60 -3.99 11.88
C5' FMN F . -7.19 -3.38 9.68
O5' FMN F . -5.87 -3.18 9.25
P FMN F . -5.00 -2.03 9.95
O1P FMN F . -3.86 -1.63 9.05
O2P FMN F . -5.90 -0.85 10.20
O3P FMN F . -4.45 -2.58 11.25
CA CA G . -6.07 -9.12 11.05
C1 GOL H . -15.30 8.09 -6.71
O1 GOL H . -14.61 9.15 -6.05
C2 GOL H . -16.19 7.32 -5.76
O2 GOL H . -16.85 6.26 -6.47
C3 GOL H . -15.44 6.75 -4.58
O3 GOL H . -16.32 6.03 -3.70
C1 GOL I . -4.25 -16.34 -4.02
O1 GOL I . -5.34 -15.61 -3.49
C2 GOL I . -3.19 -16.60 -2.97
O2 GOL I . -3.76 -17.35 -1.90
C3 GOL I . -1.99 -17.33 -3.51
O3 GOL I . -1.02 -17.59 -2.49
#